data_5HBE
#
_entry.id   5HBE
#
_cell.length_a   71.007
_cell.length_b   71.115
_cell.length_c   173.152
_cell.angle_alpha   90.000
_cell.angle_beta   90.000
_cell.angle_gamma   90.000
#
_symmetry.space_group_name_H-M   'P 21 21 21'
#
loop_
_entity.id
_entity.type
_entity.pdbx_description
1 polymer 'Cyclin-dependent kinase 8'
2 polymer Cyclin-C
3 non-polymer 8-[3-chloranyl-5-[1-methyl-2,2-bis(oxidanylidene)-3~{H}-2,1-benzothiazol-5-yl]pyridin-4-yl]-1-oxa-3,8-diazaspiro[4.5]decan-2-one
4 non-polymer 'DIMETHYL SULFOXIDE'
5 non-polymer 1,2-ETHANEDIOL
6 non-polymer 'FORMIC ACID'
7 water water
#
loop_
_entity_poly.entity_id
_entity_poly.type
_entity_poly.pdbx_seq_one_letter_code
_entity_poly.pdbx_strand_id
1 'polypeptide(L)'
;DKMDYDFKVKLSSERERVEDLFEYEGCKVGRGTYGHVYKAKRKDGKDDKDYALKQIEGTGISMSACREIALLRELKHPNV
ISLQKVFLSHADRKVWLLFDYAEHDLWHIIKFHRASKANKKPVQLPRGMVKSLLYQILDGIHYLHANWVLHRDLKPANIL
VMGEGPERGRVKIADMGFARLFNSPLKPLADLDPVVVTFWYRAPELLLGARHYTKAIDIWAIGCIFAELLTSEPIFHCRQ
EDIKTSNPYHHDQLDRIFNVMGFPADKDWEDIKKMPEHSTLMKDFRRNTYTNCSLIKYMEKHKVKPDSKAFHLLQKLLTM
DPIKRITSEQAMQDPYFLEDPLPTSDVFAGCQIPYPKREFLTEE
;
A
2 'polypeptide(L)'
;KAMAGNFWQSSHYLQWILDKQDLLKERQKDLKFLSEEEYWKLQIFFTNVIQALGEHLKLRQQVIATATVYFKRFYARYSL
KSIDPVLMAPTCVFLASKVEEFGVVSNTRLIAAATSVLKTRFSYAFPKEFPYRMNHILECEFYLLELMDCCLIVYHPYRP
LLQYVQDMGQEDMLLPLAWRIVNDTYRTDLCLLYPPFMIALACLHVACVVQQKDARQWFAELSVDMEKILEIIRVILKLY
EQWKNFDERKEMATILSKMPKPKPPP
;
B
#
loop_
_chem_comp.id
_chem_comp.type
_chem_comp.name
_chem_comp.formula
5Y6 non-polymer 8-[3-chloranyl-5-[1-methyl-2,2-bis(oxidanylidene)-3~{H}-2,1-benzothiazol-5-yl]pyridin-4-yl]-1-oxa-3,8-diazaspiro[4.5]decan-2-one 'C20 H21 Cl N4 O4 S'
DMS non-polymer 'DIMETHYL SULFOXIDE' 'C2 H6 O S'
EDO non-polymer 1,2-ETHANEDIOL 'C2 H6 O2'
FMT non-polymer 'FORMIC ACID' 'C H2 O2'
#
# COMPACT_ATOMS: atom_id res chain seq x y z
N LYS A 2 15.34 -25.38 -12.12
CA LYS A 2 16.52 -25.28 -11.22
C LYS A 2 16.11 -24.60 -9.90
N MET A 3 15.67 -25.44 -8.96
CA MET A 3 15.33 -25.05 -7.60
C MET A 3 15.76 -26.20 -6.69
N ASP A 4 16.60 -25.91 -5.69
CA ASP A 4 17.16 -26.96 -4.81
C ASP A 4 16.04 -27.77 -4.17
N TYR A 5 16.17 -29.10 -4.23
CA TYR A 5 15.15 -30.03 -3.75
C TYR A 5 14.99 -30.03 -2.23
N ASP A 6 16.11 -29.93 -1.51
CA ASP A 6 16.11 -29.93 -0.03
C ASP A 6 15.46 -28.66 0.47
N PHE A 7 15.88 -27.53 -0.09
CA PHE A 7 15.24 -26.23 0.13
C PHE A 7 13.74 -26.30 -0.15
N LYS A 8 13.36 -26.94 -1.25
CA LYS A 8 11.94 -27.05 -1.63
C LYS A 8 11.12 -27.82 -0.59
N VAL A 9 11.47 -29.08 -0.35
CA VAL A 9 10.71 -29.95 0.59
C VAL A 9 10.78 -29.51 2.06
N LYS A 10 11.87 -28.87 2.46
CA LYS A 10 11.96 -28.24 3.78
C LYS A 10 10.86 -27.19 3.92
N LEU A 11 10.79 -26.26 2.97
CA LEU A 11 9.74 -25.22 2.97
C LEU A 11 8.35 -25.81 2.84
N SER A 12 8.22 -26.87 2.05
CA SER A 12 6.96 -27.57 1.90
C SER A 12 6.52 -28.30 3.18
N SER A 13 7.48 -28.73 4.00
CA SER A 13 7.20 -29.36 5.29
C SER A 13 6.76 -28.33 6.33
N GLU A 14 7.43 -27.19 6.37
CA GLU A 14 7.19 -26.13 7.36
C GLU A 14 6.04 -25.17 7.02
N ARG A 15 5.47 -25.26 5.82
CA ARG A 15 4.48 -24.28 5.35
C ARG A 15 3.14 -24.38 6.07
N GLU A 16 2.71 -23.26 6.64
CA GLU A 16 1.39 -23.17 7.24
C GLU A 16 0.33 -23.10 6.13
N ARG A 17 -0.54 -24.10 6.10
CA ARG A 17 -1.64 -24.18 5.14
C ARG A 17 -2.96 -23.81 5.84
N VAL A 18 -3.77 -23.01 5.15
CA VAL A 18 -4.99 -22.42 5.70
C VAL A 18 -6.03 -23.48 6.12
N GLU A 19 -6.15 -24.54 5.33
CA GLU A 19 -7.10 -25.63 5.59
C GLU A 19 -6.75 -26.51 6.80
N ASP A 20 -5.48 -26.47 7.24
CA ASP A 20 -5.04 -27.14 8.48
C ASP A 20 -5.21 -26.27 9.71
N LEU A 21 -5.11 -24.95 9.53
CA LEU A 21 -5.10 -24.00 10.66
C LEU A 21 -6.47 -23.53 11.10
N PHE A 22 -7.42 -23.44 10.16
CA PHE A 22 -8.72 -22.83 10.44
C PHE A 22 -9.89 -23.69 9.99
N GLU A 23 -10.92 -23.76 10.83
CA GLU A 23 -12.22 -24.33 10.47
C GLU A 23 -13.04 -23.21 9.82
N TYR A 24 -13.37 -23.38 8.55
CA TYR A 24 -14.25 -22.44 7.82
C TYR A 24 -15.24 -23.12 6.84
N GLU A 25 -15.50 -24.41 7.03
CA GLU A 25 -16.36 -25.19 6.13
C GLU A 25 -17.83 -24.83 6.39
N GLY A 26 -18.47 -24.18 5.43
CA GLY A 26 -19.85 -23.72 5.57
C GLY A 26 -20.00 -22.35 6.22
N CYS A 27 -18.89 -21.73 6.63
CA CYS A 27 -18.89 -20.45 7.34
C CYS A 27 -18.62 -19.24 6.43
N LYS A 28 -19.04 -19.30 5.16
CA LYS A 28 -18.90 -18.17 4.23
C LYS A 28 -19.90 -17.08 4.60
N VAL A 29 -19.41 -15.87 4.82
CA VAL A 29 -20.26 -14.71 5.20
C VAL A 29 -20.32 -13.61 4.13
N GLY A 30 -19.49 -13.71 3.09
CA GLY A 30 -19.41 -12.71 2.01
C GLY A 30 -18.89 -13.28 0.70
N ARG A 31 -19.34 -12.69 -0.40
CA ARG A 31 -18.93 -13.08 -1.76
C ARG A 31 -19.13 -11.87 -2.67
N GLY A 32 -18.09 -11.49 -3.41
CA GLY A 32 -18.14 -10.34 -4.32
C GLY A 32 -16.96 -10.31 -5.28
N THR A 33 -16.62 -9.13 -5.77
CA THR A 33 -15.50 -8.98 -6.71
C THR A 33 -14.15 -9.22 -6.02
N TYR A 34 -14.06 -8.83 -4.75
CA TYR A 34 -12.87 -9.11 -3.89
C TYR A 34 -12.52 -10.61 -3.71
N GLY A 35 -13.54 -11.47 -3.78
CA GLY A 35 -13.34 -12.91 -3.56
C GLY A 35 -14.41 -13.52 -2.67
N HIS A 36 -13.98 -14.32 -1.68
CA HIS A 36 -14.88 -15.06 -0.78
C HIS A 36 -14.41 -14.90 0.68
N VAL A 37 -15.23 -14.29 1.54
CA VAL A 37 -14.89 -14.14 2.97
C VAL A 37 -15.55 -15.21 3.83
N TYR A 38 -14.80 -15.78 4.79
CA TYR A 38 -15.33 -16.79 5.73
C TYR A 38 -15.13 -16.37 7.19
N LYS A 39 -16.09 -16.73 8.05
CA LYS A 39 -15.94 -16.60 9.51
C LYS A 39 -15.19 -17.82 10.03
N ALA A 40 -13.90 -17.64 10.33
CA ALA A 40 -13.00 -18.75 10.63
C ALA A 40 -12.70 -18.86 12.12
N LYS A 41 -12.48 -20.08 12.59
CA LYS A 41 -12.09 -20.37 13.97
C LYS A 41 -10.79 -21.17 13.91
N ARG A 42 -9.88 -20.89 14.84
CA ARG A 42 -8.54 -21.52 14.87
C ARG A 42 -8.65 -22.97 15.34
N LYS A 43 -8.14 -23.92 14.55
CA LYS A 43 -8.25 -25.36 14.85
C LYS A 43 -7.41 -25.79 16.06
N ASP A 44 -6.12 -25.42 16.05
CA ASP A 44 -5.26 -25.57 17.23
C ASP A 44 -5.63 -24.49 18.26
N GLY A 45 -6.49 -24.85 19.20
CA GLY A 45 -7.20 -23.89 20.05
C GLY A 45 -6.37 -23.09 21.03
N LYS A 46 -5.61 -22.13 20.49
CA LYS A 46 -4.84 -21.17 21.30
C LYS A 46 -5.77 -20.06 21.81
N ASP A 47 -6.65 -19.57 20.93
CA ASP A 47 -7.72 -18.63 21.29
C ASP A 47 -9.08 -19.13 20.79
N ASP A 48 -10.15 -18.49 21.26
CA ASP A 48 -11.51 -18.75 20.77
C ASP A 48 -12.08 -17.52 20.04
N LYS A 49 -11.20 -16.74 19.41
CA LYS A 49 -11.61 -15.57 18.65
C LYS A 49 -12.09 -16.02 17.26
N ASP A 50 -12.97 -15.21 16.67
CA ASP A 50 -13.33 -15.36 15.26
C ASP A 50 -12.43 -14.48 14.40
N TYR A 51 -12.07 -15.01 13.23
CA TYR A 51 -11.26 -14.27 12.25
C TYR A 51 -12.02 -14.23 10.93
N ALA A 52 -11.76 -13.18 10.14
CA ALA A 52 -12.27 -13.09 8.77
C ALA A 52 -11.19 -13.63 7.82
N LEU A 53 -11.53 -14.67 7.05
CA LEU A 53 -10.65 -15.29 6.06
C LEU A 53 -11.12 -14.95 4.65
N LYS A 54 -10.33 -14.17 3.93
CA LYS A 54 -10.62 -13.77 2.56
C LYS A 54 -9.73 -14.56 1.61
N GLN A 55 -10.33 -15.35 0.70
CA GLN A 55 -9.59 -15.89 -0.44
C GLN A 55 -9.69 -14.86 -1.55
N ILE A 56 -8.55 -14.33 -1.99
CA ILE A 56 -8.56 -13.30 -3.01
C ILE A 56 -9.07 -13.87 -4.35
N GLU A 57 -9.91 -13.10 -5.03
CA GLU A 57 -10.38 -13.38 -6.37
C GLU A 57 -9.20 -13.60 -7.34
N GLY A 58 -9.33 -14.63 -8.18
CA GLY A 58 -8.32 -14.95 -9.20
C GLY A 58 -7.23 -15.87 -8.67
N THR A 59 -6.14 -15.93 -9.42
CA THR A 59 -4.93 -16.65 -9.02
C THR A 59 -3.72 -15.72 -9.09
N GLY A 60 -2.64 -16.15 -8.44
CA GLY A 60 -1.37 -15.42 -8.47
C GLY A 60 -1.37 -14.16 -7.63
N ILE A 61 -0.48 -13.24 -7.97
CA ILE A 61 -0.39 -11.94 -7.33
C ILE A 61 -0.63 -10.88 -8.39
N SER A 62 -1.88 -10.41 -8.48
CA SER A 62 -2.23 -9.28 -9.34
C SER A 62 -1.80 -7.97 -8.68
N MET A 63 -1.88 -6.88 -9.42
CA MET A 63 -1.54 -5.56 -8.88
C MET A 63 -2.40 -5.22 -7.66
N SER A 64 -3.70 -5.51 -7.75
CA SER A 64 -4.64 -5.30 -6.63
C SER A 64 -4.19 -6.06 -5.38
N ALA A 65 -3.95 -7.36 -5.56
CA ALA A 65 -3.45 -8.22 -4.48
C ALA A 65 -2.12 -7.73 -3.92
N CYS A 66 -1.20 -7.39 -4.82
CA CYS A 66 0.15 -6.97 -4.44
C CYS A 66 0.11 -5.74 -3.55
N ARG A 67 -0.61 -4.72 -4.01
CA ARG A 67 -0.72 -3.46 -3.26
C ARG A 67 -1.51 -3.57 -1.95
N GLU A 68 -2.56 -4.40 -1.92
CA GLU A 68 -3.31 -4.68 -0.68
C GLU A 68 -2.40 -5.31 0.39
N ILE A 69 -1.57 -6.27 -0.02
CA ILE A 69 -0.59 -6.89 0.87
C ILE A 69 0.47 -5.89 1.31
N ALA A 70 1.01 -5.13 0.35
CA ALA A 70 2.08 -4.17 0.63
C ALA A 70 1.64 -3.15 1.69
N LEU A 71 0.47 -2.56 1.51
CA LEU A 71 0.04 -1.46 2.37
C LEU A 71 -0.46 -1.95 3.72
N LEU A 72 -1.32 -2.96 3.73
CA LEU A 72 -1.80 -3.57 4.99
C LEU A 72 -0.68 -4.15 5.85
N ARG A 73 0.36 -4.68 5.21
CA ARG A 73 1.55 -5.11 5.93
C ARG A 73 2.25 -3.99 6.72
N GLU A 74 2.08 -2.74 6.29
CA GLU A 74 2.63 -1.56 6.99
C GLU A 74 1.63 -0.85 7.90
N LEU A 75 0.36 -0.78 7.49
CA LEU A 75 -0.63 0.02 8.21
C LEU A 75 -0.97 -0.57 9.58
N LYS A 76 -1.11 0.30 10.58
CA LYS A 76 -1.40 -0.08 11.95
C LYS A 76 -2.08 1.09 12.67
N HIS A 77 -3.40 1.01 12.81
CA HIS A 77 -4.19 2.00 13.57
C HIS A 77 -5.44 1.27 14.10
N PRO A 78 -5.96 1.65 15.29
CA PRO A 78 -7.13 0.97 15.84
C PRO A 78 -8.38 0.95 14.94
N ASN A 79 -8.61 2.03 14.19
CA ASN A 79 -9.77 2.20 13.31
C ASN A 79 -9.58 1.78 11.84
N VAL A 80 -8.49 1.07 11.54
CA VAL A 80 -8.25 0.49 10.24
C VAL A 80 -8.07 -1.01 10.44
N ILE A 81 -8.69 -1.80 9.58
CA ILE A 81 -8.72 -3.27 9.75
C ILE A 81 -7.30 -3.82 9.59
N SER A 82 -6.93 -4.76 10.46
CA SER A 82 -5.57 -5.32 10.55
C SER A 82 -5.41 -6.65 9.84
N LEU A 83 -4.45 -6.72 8.92
CA LEU A 83 -4.01 -7.98 8.33
C LEU A 83 -3.18 -8.76 9.36
N GLN A 84 -3.71 -9.90 9.81
CA GLN A 84 -3.04 -10.76 10.78
C GLN A 84 -1.99 -11.65 10.14
N LYS A 85 -2.33 -12.26 8.99
CA LYS A 85 -1.40 -13.14 8.26
C LYS A 85 -1.81 -13.36 6.81
N VAL A 86 -0.85 -13.75 5.98
CA VAL A 86 -1.07 -14.08 4.57
C VAL A 86 -0.68 -15.53 4.32
N PHE A 87 -1.59 -16.32 3.73
CA PHE A 87 -1.28 -17.68 3.28
C PHE A 87 -1.19 -17.72 1.77
N LEU A 88 -0.10 -18.25 1.25
CA LEU A 88 0.10 -18.45 -0.17
C LEU A 88 0.01 -19.94 -0.41
N SER A 89 -1.03 -20.36 -1.12
CA SER A 89 -1.24 -21.77 -1.48
C SER A 89 -0.62 -22.01 -2.86
N HIS A 90 0.47 -22.78 -2.87
CA HIS A 90 1.30 -22.97 -4.08
C HIS A 90 0.64 -23.84 -5.15
N ALA A 91 -0.10 -24.86 -4.73
CA ALA A 91 -0.73 -25.81 -5.67
C ALA A 91 -1.76 -25.15 -6.58
N ASP A 92 -2.77 -24.53 -5.97
CA ASP A 92 -3.85 -23.84 -6.70
C ASP A 92 -3.60 -22.33 -6.94
N ARG A 93 -2.47 -21.81 -6.44
CA ARG A 93 -2.04 -20.42 -6.65
C ARG A 93 -3.01 -19.35 -6.07
N LYS A 94 -3.70 -19.70 -4.98
CA LYS A 94 -4.66 -18.80 -4.35
C LYS A 94 -4.03 -18.12 -3.15
N VAL A 95 -4.40 -16.85 -2.93
CA VAL A 95 -3.90 -16.05 -1.82
C VAL A 95 -5.00 -15.85 -0.80
N TRP A 96 -4.70 -16.12 0.47
CA TRP A 96 -5.63 -15.93 1.57
C TRP A 96 -5.11 -14.86 2.52
N LEU A 97 -6.01 -14.01 3.01
CA LEU A 97 -5.68 -12.98 4.01
C LEU A 97 -6.51 -13.23 5.26
N LEU A 98 -5.86 -13.15 6.43
CA LEU A 98 -6.53 -13.32 7.72
C LEU A 98 -6.68 -11.95 8.38
N PHE A 99 -7.90 -11.64 8.83
CA PHE A 99 -8.21 -10.40 9.55
C PHE A 99 -8.96 -10.71 10.84
N ASP A 100 -9.03 -9.70 11.72
CA ASP A 100 -9.98 -9.73 12.85
C ASP A 100 -11.41 -9.73 12.30
N TYR A 101 -12.31 -10.48 12.94
CA TYR A 101 -13.71 -10.56 12.47
C TYR A 101 -14.57 -9.40 13.01
N ALA A 102 -15.28 -8.73 12.10
CA ALA A 102 -16.21 -7.64 12.41
C ALA A 102 -17.65 -8.06 12.15
N GLU A 103 -18.44 -8.26 13.22
CA GLU A 103 -19.84 -8.75 13.11
C GLU A 103 -20.77 -7.80 12.33
N HIS A 104 -20.61 -6.49 12.54
CA HIS A 104 -21.50 -5.48 11.94
C HIS A 104 -20.76 -4.49 11.02
N ASP A 105 -21.54 -3.73 10.26
CA ASP A 105 -21.05 -2.64 9.40
C ASP A 105 -22.15 -1.59 9.33
N LEU A 106 -21.87 -0.43 8.74
CA LEU A 106 -22.87 0.65 8.68
C LEU A 106 -23.99 0.36 7.69
N TRP A 107 -23.72 -0.45 6.66
CA TRP A 107 -24.76 -0.81 5.69
C TRP A 107 -25.85 -1.64 6.37
N HIS A 108 -25.44 -2.62 7.17
CA HIS A 108 -26.36 -3.48 7.92
C HIS A 108 -27.01 -2.76 9.10
N ILE A 109 -26.26 -1.93 9.82
CA ILE A 109 -26.80 -1.13 10.93
C ILE A 109 -27.86 -0.13 10.42
N ILE A 110 -27.47 0.75 9.50
CA ILE A 110 -28.41 1.72 8.91
C ILE A 110 -29.67 1.02 8.36
N LYS A 111 -29.49 -0.13 7.68
CA LYS A 111 -30.61 -0.88 7.11
C LYS A 111 -31.54 -1.45 8.19
N PHE A 112 -30.98 -1.83 9.34
CA PHE A 112 -31.78 -2.33 10.48
C PHE A 112 -32.67 -1.24 11.10
N HIS A 113 -32.12 -0.04 11.29
CA HIS A 113 -32.88 1.11 11.79
C HIS A 113 -33.94 1.54 10.78
N ARG A 114 -33.51 1.74 9.53
CA ARG A 114 -34.42 2.10 8.44
C ARG A 114 -35.54 1.07 8.22
N ALA A 115 -35.24 -0.21 8.40
CA ALA A 115 -36.24 -1.29 8.28
C ALA A 115 -37.23 -1.29 9.45
N SER A 116 -36.73 -1.06 10.65
CA SER A 116 -37.56 -1.05 11.87
C SER A 116 -38.29 0.27 12.14
N LYS A 117 -37.87 1.36 11.46
CA LYS A 117 -38.46 2.69 11.67
C LYS A 117 -39.95 2.76 11.33
N ALA A 118 -40.37 2.01 10.30
CA ALA A 118 -41.80 1.83 9.98
C ALA A 118 -42.35 0.58 10.68
N ASN A 119 -41.90 -0.61 10.25
CA ASN A 119 -42.39 -1.89 10.77
C ASN A 119 -41.58 -2.37 11.98
N GLN A 124 -30.97 5.15 15.81
CA GLN A 124 -29.69 5.49 16.43
C GLN A 124 -29.84 5.53 17.96
N LEU A 125 -30.34 4.41 18.50
CA LEU A 125 -30.94 4.35 19.85
C LEU A 125 -30.04 4.76 21.03
N PRO A 126 -28.75 4.35 21.02
CA PRO A 126 -27.82 4.95 22.00
C PRO A 126 -27.46 6.40 21.62
N ARG A 127 -27.54 7.31 22.59
CA ARG A 127 -27.15 8.71 22.37
C ARG A 127 -25.64 8.77 22.22
N GLY A 128 -25.17 9.52 21.22
CA GLY A 128 -23.74 9.66 20.92
C GLY A 128 -23.13 8.58 20.04
N MET A 129 -23.95 7.69 19.48
CA MET A 129 -23.48 6.63 18.57
C MET A 129 -23.00 7.20 17.25
N VAL A 130 -23.81 8.07 16.65
CA VAL A 130 -23.49 8.70 15.35
C VAL A 130 -22.16 9.44 15.43
N LYS A 131 -22.05 10.28 16.45
CA LYS A 131 -20.88 11.09 16.69
C LYS A 131 -19.65 10.22 16.89
N SER A 132 -19.80 9.14 17.66
CA SER A 132 -18.70 8.22 17.90
C SER A 132 -18.26 7.53 16.61
N LEU A 133 -19.22 7.06 15.82
CA LEU A 133 -18.94 6.50 14.49
C LEU A 133 -18.22 7.52 13.60
N LEU A 134 -18.73 8.76 13.58
CA LEU A 134 -18.13 9.79 12.75
C LEU A 134 -16.69 10.09 13.16
N TYR A 135 -16.45 10.31 14.46
CA TYR A 135 -15.08 10.58 14.97
C TYR A 135 -14.07 9.48 14.65
N GLN A 136 -14.48 8.23 14.80
CA GLN A 136 -13.62 7.08 14.52
C GLN A 136 -13.40 6.87 13.01
N ILE A 137 -14.42 7.14 12.21
CA ILE A 137 -14.27 7.12 10.74
C ILE A 137 -13.25 8.20 10.36
N LEU A 138 -13.38 9.41 10.93
CA LEU A 138 -12.42 10.50 10.69
C LEU A 138 -11.00 10.22 11.20
N ASP A 139 -10.89 9.50 12.32
CA ASP A 139 -9.59 9.15 12.92
C ASP A 139 -8.84 8.15 12.03
N GLY A 140 -9.54 7.10 11.60
CA GLY A 140 -9.00 6.13 10.65
C GLY A 140 -8.56 6.74 9.33
N ILE A 141 -9.48 7.45 8.65
CA ILE A 141 -9.17 8.09 7.38
C ILE A 141 -8.01 9.09 7.50
N HIS A 142 -7.94 9.82 8.63
CA HIS A 142 -6.82 10.73 8.91
C HIS A 142 -5.45 10.02 8.95
N TYR A 143 -5.39 8.85 9.58
CA TYR A 143 -4.16 8.04 9.62
C TYR A 143 -3.71 7.63 8.22
N LEU A 144 -4.65 7.21 7.39
CA LEU A 144 -4.33 6.85 5.99
C LEU A 144 -3.79 8.06 5.21
N HIS A 145 -4.52 9.18 5.31
CA HIS A 145 -4.19 10.41 4.60
C HIS A 145 -2.84 11.00 5.05
N ALA A 146 -2.51 10.87 6.33
CA ALA A 146 -1.20 11.27 6.85
C ALA A 146 -0.06 10.41 6.26
N ASN A 147 -0.38 9.16 5.90
CA ASN A 147 0.52 8.26 5.18
C ASN A 147 0.27 8.25 3.65
N TRP A 148 -0.40 9.27 3.13
CA TRP A 148 -0.67 9.41 1.69
C TRP A 148 -1.35 8.17 1.07
N VAL A 149 -2.24 7.55 1.84
CA VAL A 149 -3.04 6.42 1.38
C VAL A 149 -4.45 6.93 1.28
N LEU A 150 -4.98 6.99 0.06
CA LEU A 150 -6.37 7.32 -0.16
C LEU A 150 -7.17 6.03 -0.04
N HIS A 151 -8.43 6.13 0.39
CA HIS A 151 -9.33 4.99 0.39
C HIS A 151 -9.91 4.78 -1.01
N ARG A 152 -10.50 5.84 -1.58
CA ARG A 152 -11.04 5.88 -2.96
C ARG A 152 -12.37 5.17 -3.20
N ASP A 153 -12.97 4.58 -2.16
CA ASP A 153 -14.27 3.89 -2.32
C ASP A 153 -14.99 3.74 -0.98
N LEU A 154 -15.05 4.82 -0.21
CA LEU A 154 -15.69 4.81 1.10
C LEU A 154 -17.22 4.70 0.98
N LYS A 155 -17.81 3.82 1.79
CA LYS A 155 -19.28 3.63 1.83
C LYS A 155 -19.69 2.81 3.06
N PRO A 156 -21.00 2.81 3.41
CA PRO A 156 -21.41 2.12 4.65
C PRO A 156 -21.04 0.62 4.78
N ALA A 157 -21.01 -0.11 3.67
N ALA A 157 -21.02 -0.10 3.65
CA ALA A 157 -20.61 -1.52 3.66
CA ALA A 157 -20.64 -1.52 3.63
C ALA A 157 -19.14 -1.74 4.04
C ALA A 157 -19.20 -1.76 4.06
N ASN A 158 -18.32 -0.71 3.84
N ASN A 158 -18.31 -0.79 3.84
CA ASN A 158 -16.88 -0.83 4.13
CA ASN A 158 -16.92 -0.93 4.24
C ASN A 158 -16.50 -0.35 5.54
C ASN A 158 -16.51 0.06 5.34
N ILE A 159 -17.33 0.52 6.12
N ILE A 159 -17.47 0.40 6.20
CA ILE A 159 -17.12 0.95 7.50
CA ILE A 159 -17.15 0.95 7.51
C ILE A 159 -17.63 -0.12 8.46
C ILE A 159 -17.64 -0.09 8.52
N LEU A 160 -16.74 -1.00 8.91
CA LEU A 160 -17.09 -2.15 9.73
C LEU A 160 -17.15 -1.75 11.21
N VAL A 161 -17.93 -2.50 11.99
CA VAL A 161 -18.01 -2.25 13.43
C VAL A 161 -17.87 -3.57 14.19
N MET A 162 -16.97 -3.57 15.17
CA MET A 162 -16.69 -4.77 15.97
C MET A 162 -17.86 -5.11 16.90
N GLY A 163 -18.15 -6.41 17.00
CA GLY A 163 -19.19 -6.92 17.90
C GLY A 163 -18.60 -7.27 19.25
N GLU A 164 -19.31 -8.14 19.99
CA GLU A 164 -18.90 -8.53 21.34
C GLU A 164 -17.46 -9.07 21.36
N GLY A 165 -16.69 -8.63 22.35
CA GLY A 165 -15.27 -8.97 22.47
C GLY A 165 -14.46 -7.80 23.00
N PRO A 166 -13.12 -7.95 23.06
CA PRO A 166 -12.27 -6.86 23.58
C PRO A 166 -12.41 -5.52 22.86
N GLU A 167 -12.70 -5.55 21.55
CA GLU A 167 -12.85 -4.33 20.74
C GLU A 167 -14.31 -3.91 20.47
N ARG A 168 -15.23 -4.41 21.28
CA ARG A 168 -16.64 -4.02 21.31
C ARG A 168 -16.89 -2.58 20.82
N GLY A 169 -17.59 -2.45 19.70
CA GLY A 169 -18.03 -1.17 19.17
C GLY A 169 -16.96 -0.22 18.65
N ARG A 170 -15.83 -0.75 18.20
CA ARG A 170 -14.79 0.06 17.54
C ARG A 170 -14.97 -0.02 16.03
N VAL A 171 -14.92 1.12 15.36
CA VAL A 171 -15.06 1.16 13.92
C VAL A 171 -13.79 0.60 13.27
N LYS A 172 -13.96 -0.19 12.22
CA LYS A 172 -12.85 -0.71 11.43
C LYS A 172 -13.11 -0.40 9.97
N ILE A 173 -12.30 0.51 9.40
CA ILE A 173 -12.33 0.80 7.97
C ILE A 173 -11.75 -0.39 7.22
N ALA A 174 -12.28 -0.68 6.04
CA ALA A 174 -11.90 -1.86 5.26
C ALA A 174 -12.07 -1.59 3.78
N ASP A 175 -11.65 -2.54 2.94
CA ASP A 175 -11.90 -2.51 1.49
C ASP A 175 -11.39 -1.23 0.83
N MET A 176 -10.16 -0.84 1.16
CA MET A 176 -9.51 0.30 0.52
C MET A 176 -9.30 -0.01 -0.96
N GLY A 177 -9.54 0.98 -1.83
CA GLY A 177 -9.29 0.85 -3.26
C GLY A 177 -7.79 0.90 -3.52
N PHE A 178 -7.13 -0.25 -3.37
CA PHE A 178 -5.66 -0.31 -3.41
C PHE A 178 -5.10 -0.18 -4.82
N ALA A 179 -5.74 -0.85 -5.79
CA ALA A 179 -5.33 -0.78 -7.21
C ALA A 179 -6.30 0.04 -8.06
N ARG A 180 -5.85 1.21 -8.49
CA ARG A 180 -6.49 1.97 -9.58
C ARG A 180 -5.36 2.43 -10.49
N LEU A 181 -5.44 2.11 -11.79
CA LEU A 181 -4.37 2.43 -12.73
C LEU A 181 -4.11 3.95 -12.82
N PHE A 182 -2.84 4.34 -12.64
CA PHE A 182 -2.40 5.76 -12.68
C PHE A 182 -3.14 6.67 -11.68
N ASN A 183 -3.63 6.09 -10.57
CA ASN A 183 -4.49 6.77 -9.60
C ASN A 183 -5.74 7.41 -10.24
N SER A 184 -6.30 6.76 -11.26
CA SER A 184 -7.33 7.36 -12.13
C SER A 184 -8.70 6.68 -12.01
N PRO A 185 -9.79 7.47 -11.78
CA PRO A 185 -11.14 6.89 -11.77
C PRO A 185 -11.71 6.59 -13.16
N LEU A 186 -11.10 7.18 -14.20
CA LEU A 186 -11.52 6.95 -15.59
C LEU A 186 -11.08 5.58 -16.13
N LYS A 187 -10.24 4.86 -15.38
CA LYS A 187 -9.72 3.54 -15.76
C LYS A 187 -10.14 2.50 -14.73
N VAL A 197 -24.66 -0.82 -10.58
CA VAL A 197 -23.76 0.31 -10.38
C VAL A 197 -24.42 1.50 -9.67
N THR A 198 -23.82 1.92 -8.55
CA THR A 198 -24.35 3.01 -7.69
C THR A 198 -23.27 4.07 -7.41
N PHE A 199 -23.64 5.34 -7.50
CA PHE A 199 -22.71 6.48 -7.40
C PHE A 199 -23.00 7.45 -6.25
N TRP A 200 -23.71 7.00 -5.22
CA TRP A 200 -24.26 7.91 -4.20
C TRP A 200 -23.23 8.64 -3.32
N TYR A 201 -22.02 8.09 -3.21
CA TYR A 201 -20.98 8.59 -2.30
C TYR A 201 -19.83 9.27 -3.06
N ARG A 202 -20.05 9.52 -4.35
CA ARG A 202 -19.04 10.04 -5.25
C ARG A 202 -19.11 11.55 -5.34
N ALA A 203 -17.97 12.21 -5.07
CA ALA A 203 -17.86 13.66 -5.10
C ALA A 203 -18.27 14.23 -6.48
N PRO A 204 -18.83 15.45 -6.52
CA PRO A 204 -19.24 16.02 -7.82
C PRO A 204 -18.11 16.22 -8.83
N GLU A 205 -16.88 16.44 -8.37
CA GLU A 205 -15.74 16.54 -9.29
C GLU A 205 -15.48 15.19 -10.03
N LEU A 206 -15.68 14.07 -9.35
CA LEU A 206 -15.58 12.75 -10.04
C LEU A 206 -16.64 12.58 -11.11
N LEU A 207 -17.84 13.06 -10.81
CA LEU A 207 -18.93 13.01 -11.78
C LEU A 207 -18.71 14.02 -12.91
N LEU A 208 -17.87 15.03 -12.66
CA LEU A 208 -17.49 16.02 -13.69
C LEU A 208 -16.13 15.73 -14.38
N GLY A 209 -15.62 14.51 -14.20
CA GLY A 209 -14.48 14.02 -14.98
C GLY A 209 -13.11 14.27 -14.41
N ALA A 210 -13.01 14.42 -13.09
CA ALA A 210 -11.72 14.54 -12.39
C ALA A 210 -10.79 13.38 -12.73
N ARG A 211 -9.56 13.72 -13.09
CA ARG A 211 -8.59 12.76 -13.63
C ARG A 211 -7.95 11.87 -12.56
N HIS A 212 -7.98 12.32 -11.29
CA HIS A 212 -7.28 11.63 -10.20
C HIS A 212 -8.04 11.67 -8.88
N TYR A 213 -7.88 10.63 -8.07
CA TYR A 213 -8.44 10.58 -6.70
C TYR A 213 -7.67 11.50 -5.76
N THR A 214 -8.36 11.97 -4.74
CA THR A 214 -7.83 12.93 -3.79
C THR A 214 -8.29 12.63 -2.39
N LYS A 215 -7.64 13.28 -1.42
CA LYS A 215 -8.10 13.26 -0.04
C LYS A 215 -9.51 13.82 0.09
N ALA A 216 -9.83 14.87 -0.68
CA ALA A 216 -11.14 15.53 -0.63
C ALA A 216 -12.27 14.61 -1.08
N ILE A 217 -12.01 13.80 -2.10
CA ILE A 217 -12.99 12.84 -2.60
C ILE A 217 -13.43 11.88 -1.49
N ASP A 218 -12.46 11.43 -0.70
CA ASP A 218 -12.72 10.61 0.49
C ASP A 218 -13.53 11.37 1.53
N ILE A 219 -13.12 12.60 1.83
CA ILE A 219 -13.86 13.44 2.80
C ILE A 219 -15.32 13.69 2.42
N TRP A 220 -15.62 13.78 1.12
CA TRP A 220 -17.01 13.93 0.65
C TRP A 220 -17.81 12.69 1.02
N ALA A 221 -17.28 11.51 0.67
CA ALA A 221 -17.86 10.21 1.09
C ALA A 221 -18.22 10.20 2.56
N ILE A 222 -17.30 10.70 3.40
CA ILE A 222 -17.54 10.76 4.85
C ILE A 222 -18.75 11.65 5.18
N GLY A 223 -18.86 12.79 4.48
CA GLY A 223 -20.06 13.63 4.57
C GLY A 223 -21.37 12.92 4.24
N CYS A 224 -21.38 12.11 3.16
CA CYS A 224 -22.59 11.33 2.78
C CYS A 224 -22.98 10.30 3.85
N ILE A 225 -22.03 9.48 4.26
CA ILE A 225 -22.22 8.51 5.36
C ILE A 225 -22.80 9.21 6.59
N PHE A 226 -22.13 10.27 7.05
CA PHE A 226 -22.64 11.06 8.20
C PHE A 226 -24.11 11.46 8.06
N ALA A 227 -24.49 11.99 6.90
CA ALA A 227 -25.88 12.38 6.66
C ALA A 227 -26.83 11.18 6.67
N GLU A 228 -26.34 10.03 6.20
CA GLU A 228 -27.07 8.76 6.23
C GLU A 228 -27.27 8.27 7.66
N LEU A 229 -26.24 8.36 8.50
CA LEU A 229 -26.36 8.02 9.93
C LEU A 229 -27.40 8.87 10.68
N LEU A 230 -27.49 10.15 10.32
CA LEU A 230 -28.43 11.10 10.97
C LEU A 230 -29.87 10.93 10.49
N THR A 231 -30.07 10.60 9.21
CA THR A 231 -31.41 10.47 8.61
C THR A 231 -31.90 9.04 8.36
N SER A 232 -30.98 8.07 8.30
CA SER A 232 -31.25 6.68 7.84
C SER A 232 -31.53 6.51 6.33
N GLU A 233 -31.33 7.58 5.54
CA GLU A 233 -31.50 7.58 4.07
C GLU A 233 -30.18 8.03 3.42
N PRO A 234 -29.78 7.42 2.27
CA PRO A 234 -28.60 7.97 1.57
C PRO A 234 -28.88 9.37 1.02
N ILE A 235 -28.08 10.37 1.42
CA ILE A 235 -28.39 11.78 1.09
C ILE A 235 -28.54 11.99 -0.42
N PHE A 236 -27.68 11.32 -1.20
CA PHE A 236 -27.70 11.46 -2.66
C PHE A 236 -28.15 10.16 -3.33
N HIS A 237 -29.22 9.56 -2.77
CA HIS A 237 -29.83 8.35 -3.31
C HIS A 237 -30.32 8.59 -4.74
N CYS A 238 -30.19 7.56 -5.57
CA CYS A 238 -30.45 7.69 -7.01
C CYS A 238 -30.86 6.36 -7.64
N ARG A 239 -31.53 6.45 -8.78
CA ARG A 239 -31.98 5.27 -9.53
C ARG A 239 -30.81 4.63 -10.27
N GLN A 240 -30.85 3.29 -10.43
CA GLN A 240 -29.81 2.55 -11.16
C GLN A 240 -29.91 2.75 -12.68
N SER A 246 -19.57 3.39 -17.33
CA SER A 246 -18.27 3.48 -17.99
C SER A 246 -17.67 4.89 -17.86
N ASN A 247 -18.25 5.86 -18.57
CA ASN A 247 -17.76 7.25 -18.55
C ASN A 247 -18.11 7.91 -17.20
N PRO A 248 -17.35 8.95 -16.80
CA PRO A 248 -17.51 9.52 -15.45
C PRO A 248 -18.79 10.36 -15.25
N TYR A 249 -19.28 10.99 -16.32
CA TYR A 249 -20.47 11.84 -16.25
C TYR A 249 -21.76 11.03 -16.05
N HIS A 250 -22.49 11.37 -14.98
CA HIS A 250 -23.77 10.74 -14.66
C HIS A 250 -24.77 11.84 -14.33
N HIS A 251 -25.71 12.06 -15.25
CA HIS A 251 -26.68 13.17 -15.20
C HIS A 251 -27.62 13.11 -13.99
N ASP A 252 -28.25 11.96 -13.79
CA ASP A 252 -29.27 11.79 -12.75
C ASP A 252 -28.67 11.83 -11.35
N GLN A 253 -27.43 11.35 -11.22
CA GLN A 253 -26.71 11.44 -9.95
C GLN A 253 -26.47 12.90 -9.58
N LEU A 254 -26.00 13.68 -10.56
CA LEU A 254 -25.80 15.14 -10.40
C LEU A 254 -27.11 15.89 -10.12
N ASP A 255 -28.22 15.44 -10.73
CA ASP A 255 -29.55 16.04 -10.50
C ASP A 255 -29.93 15.98 -9.02
N ARG A 256 -29.74 14.82 -8.40
CA ARG A 256 -30.02 14.62 -6.97
C ARG A 256 -29.11 15.48 -6.06
N ILE A 257 -27.82 15.57 -6.39
CA ILE A 257 -26.91 16.41 -5.62
C ILE A 257 -27.44 17.85 -5.63
N PHE A 258 -27.88 18.33 -6.79
CA PHE A 258 -28.40 19.70 -6.92
C PHE A 258 -29.73 19.91 -6.20
N ASN A 259 -30.63 18.92 -6.26
CA ASN A 259 -31.89 18.98 -5.52
C ASN A 259 -31.62 19.10 -4.03
N VAL A 260 -30.61 18.39 -3.55
CA VAL A 260 -30.23 18.45 -2.15
C VAL A 260 -29.45 19.73 -1.83
N MET A 261 -28.34 19.96 -2.53
CA MET A 261 -27.38 21.02 -2.19
C MET A 261 -27.66 22.40 -2.77
N GLY A 262 -28.55 22.48 -3.75
CA GLY A 262 -28.64 23.63 -4.64
C GLY A 262 -27.62 23.45 -5.77
N PHE A 263 -27.79 24.25 -6.83
CA PHE A 263 -26.81 24.33 -7.91
C PHE A 263 -25.70 25.29 -7.47
N PRO A 264 -24.41 24.91 -7.65
CA PRO A 264 -23.30 25.75 -7.15
C PRO A 264 -23.17 27.08 -7.87
N ALA A 265 -23.17 28.18 -7.11
CA ALA A 265 -22.90 29.51 -7.67
C ALA A 265 -21.45 29.61 -8.11
N ASP A 266 -21.15 30.56 -9.01
CA ASP A 266 -19.78 30.79 -9.52
C ASP A 266 -18.77 31.02 -8.40
N LYS A 267 -19.16 31.83 -7.42
CA LYS A 267 -18.31 32.15 -6.25
C LYS A 267 -18.05 30.94 -5.33
N ASP A 268 -18.99 29.99 -5.28
CA ASP A 268 -18.87 28.79 -4.44
C ASP A 268 -17.86 27.76 -4.97
N TRP A 269 -17.60 27.78 -6.29
CA TRP A 269 -16.66 26.85 -6.93
C TRP A 269 -16.10 27.48 -8.23
N GLU A 270 -15.11 28.35 -8.07
CA GLU A 270 -14.49 29.09 -9.18
C GLU A 270 -13.92 28.20 -10.29
N ASP A 271 -13.25 27.13 -9.89
CA ASP A 271 -12.54 26.25 -10.82
C ASP A 271 -13.41 25.22 -11.57
N ILE A 272 -14.72 25.18 -11.29
CA ILE A 272 -15.62 24.25 -11.98
C ILE A 272 -15.50 24.35 -13.52
N LYS A 273 -15.19 25.54 -14.02
CA LYS A 273 -14.89 25.78 -15.44
C LYS A 273 -13.70 24.98 -15.99
N LYS A 274 -12.74 24.64 -15.12
CA LYS A 274 -11.59 23.81 -15.51
C LYS A 274 -11.88 22.32 -15.64
N MET A 275 -13.06 21.87 -15.20
CA MET A 275 -13.42 20.45 -15.24
C MET A 275 -13.77 20.02 -16.67
N PRO A 276 -13.33 18.81 -17.11
CA PRO A 276 -13.54 18.40 -18.51
C PRO A 276 -15.01 18.28 -18.95
N GLU A 277 -15.90 17.98 -18.00
CA GLU A 277 -17.33 17.85 -18.26
C GLU A 277 -18.15 19.11 -17.93
N HIS A 278 -17.48 20.25 -17.73
CA HIS A 278 -18.19 21.49 -17.42
C HIS A 278 -19.19 21.90 -18.50
N SER A 279 -18.73 21.89 -19.76
CA SER A 279 -19.62 22.24 -20.88
C SER A 279 -20.82 21.30 -21.05
N THR A 280 -20.67 20.02 -20.69
CA THR A 280 -21.81 19.08 -20.66
C THR A 280 -22.83 19.49 -19.59
N LEU A 281 -22.35 19.85 -18.40
CA LEU A 281 -23.18 20.35 -17.30
C LEU A 281 -24.01 21.55 -17.72
N MET A 282 -23.36 22.55 -18.30
CA MET A 282 -24.03 23.76 -18.80
C MET A 282 -25.11 23.43 -19.83
N LYS A 283 -24.81 22.50 -20.73
CA LYS A 283 -25.76 22.05 -21.74
C LYS A 283 -26.98 21.35 -21.10
N ASP A 284 -26.75 20.51 -20.09
CA ASP A 284 -27.82 19.70 -19.46
C ASP A 284 -28.61 20.42 -18.36
N PHE A 285 -27.97 21.33 -17.61
CA PHE A 285 -28.53 21.89 -16.37
C PHE A 285 -28.71 23.40 -16.39
N ARG A 286 -29.73 23.86 -15.67
CA ARG A 286 -30.00 25.29 -15.47
C ARG A 286 -30.07 25.59 -13.98
N ARG A 287 -29.30 26.58 -13.54
CA ARG A 287 -29.28 27.07 -12.15
C ARG A 287 -30.67 27.26 -11.53
N ASN A 288 -31.57 27.87 -12.30
CA ASN A 288 -32.90 28.27 -11.80
C ASN A 288 -33.81 27.09 -11.43
N THR A 289 -33.50 25.89 -11.94
CA THR A 289 -34.17 24.66 -11.53
C THR A 289 -34.04 24.36 -10.03
N TYR A 290 -32.91 24.73 -9.43
CA TYR A 290 -32.62 24.43 -8.01
C TYR A 290 -32.53 25.69 -7.12
N THR A 291 -33.42 26.66 -7.35
CA THR A 291 -33.43 27.92 -6.60
C THR A 291 -33.90 27.74 -5.15
N ASN A 292 -34.91 26.90 -4.93
CA ASN A 292 -35.43 26.59 -3.58
C ASN A 292 -34.84 25.27 -3.04
N CYS A 293 -33.52 25.14 -3.15
CA CYS A 293 -32.79 23.93 -2.75
C CYS A 293 -31.55 24.31 -1.97
N SER A 294 -31.39 23.71 -0.80
CA SER A 294 -30.19 23.88 0.03
C SER A 294 -30.06 22.72 1.02
N LEU A 295 -28.86 22.52 1.55
CA LEU A 295 -28.65 21.49 2.58
C LEU A 295 -29.41 21.83 3.86
N ILE A 296 -29.57 23.12 4.16
CA ILE A 296 -30.42 23.56 5.27
C ILE A 296 -31.81 22.96 5.13
N LYS A 297 -32.42 23.16 3.96
CA LYS A 297 -33.80 22.71 3.69
C LYS A 297 -33.95 21.18 3.69
N TYR A 298 -33.01 20.46 3.07
CA TYR A 298 -33.04 18.98 3.09
C TYR A 298 -33.02 18.45 4.52
N MET A 299 -32.03 18.86 5.30
CA MET A 299 -31.90 18.36 6.68
C MET A 299 -33.05 18.78 7.60
N GLU A 300 -33.67 19.94 7.35
CA GLU A 300 -34.83 20.41 8.11
C GLU A 300 -36.05 19.49 7.94
N LYS A 301 -36.25 18.98 6.72
CA LYS A 301 -37.31 18.01 6.42
C LYS A 301 -37.08 16.66 7.13
N HIS A 302 -35.81 16.28 7.30
CA HIS A 302 -35.43 15.05 8.03
C HIS A 302 -35.05 15.29 9.51
N LYS A 303 -35.57 16.39 10.08
CA LYS A 303 -35.59 16.62 11.54
C LYS A 303 -34.21 16.78 12.19
N VAL A 304 -33.26 17.32 11.42
CA VAL A 304 -31.95 17.73 11.93
C VAL A 304 -31.93 19.25 11.92
N LYS A 305 -31.59 19.85 13.06
CA LYS A 305 -31.67 21.30 13.23
C LYS A 305 -30.51 22.00 12.50
N PRO A 306 -30.80 23.07 11.73
CA PRO A 306 -29.76 23.77 10.98
C PRO A 306 -28.82 24.66 11.81
N ASP A 307 -29.19 24.95 13.06
CA ASP A 307 -28.31 25.67 14.00
C ASP A 307 -27.48 24.74 14.89
N SER A 308 -27.65 23.43 14.76
CA SER A 308 -26.89 22.45 15.53
C SER A 308 -25.46 22.34 15.02
N LYS A 309 -24.54 21.99 15.91
CA LYS A 309 -23.14 21.78 15.53
C LYS A 309 -22.98 20.56 14.60
N ALA A 310 -23.86 19.57 14.75
CA ALA A 310 -23.91 18.42 13.85
C ALA A 310 -24.18 18.81 12.39
N PHE A 311 -25.10 19.74 12.17
CA PHE A 311 -25.40 20.23 10.82
C PHE A 311 -24.22 21.04 10.25
N HIS A 312 -23.69 21.96 11.05
CA HIS A 312 -22.59 22.84 10.58
C HIS A 312 -21.36 22.06 10.15
N LEU A 313 -20.99 21.00 10.90
CA LEU A 313 -19.87 20.13 10.51
C LEU A 313 -20.12 19.42 9.18
N LEU A 314 -21.33 18.89 9.03
CA LEU A 314 -21.77 18.23 7.81
C LEU A 314 -21.64 19.13 6.57
N GLN A 315 -22.01 20.39 6.71
CA GLN A 315 -21.96 21.35 5.62
C GLN A 315 -20.51 21.61 5.15
N LYS A 316 -19.58 21.61 6.10
CA LYS A 316 -18.16 21.72 5.79
C LYS A 316 -17.62 20.46 5.09
N LEU A 317 -18.14 19.29 5.45
CA LEU A 317 -17.77 18.01 4.80
C LEU A 317 -18.38 17.91 3.41
N LEU A 318 -19.67 18.24 3.31
CA LEU A 318 -20.41 18.24 2.05
C LEU A 318 -20.31 19.62 1.34
N THR A 319 -19.09 20.10 1.14
CA THR A 319 -18.81 21.32 0.35
C THR A 319 -18.54 20.90 -1.10
N MET A 320 -19.14 21.62 -2.05
CA MET A 320 -19.09 21.22 -3.46
C MET A 320 -17.68 21.35 -4.06
N ASP A 321 -17.07 22.53 -3.90
CA ASP A 321 -15.70 22.75 -4.36
C ASP A 321 -14.74 21.92 -3.50
N PRO A 322 -13.93 21.02 -4.14
CA PRO A 322 -13.00 20.18 -3.37
C PRO A 322 -11.95 20.94 -2.56
N ILE A 323 -11.44 22.06 -3.09
CA ILE A 323 -10.46 22.88 -2.34
C ILE A 323 -11.06 23.62 -1.12
N LYS A 324 -12.40 23.68 -1.02
CA LYS A 324 -13.11 24.28 0.13
C LYS A 324 -13.74 23.25 1.08
N ARG A 325 -13.39 21.98 0.92
CA ARG A 325 -13.91 20.91 1.77
C ARG A 325 -12.94 20.82 2.95
N ILE A 326 -13.43 20.59 4.18
CA ILE A 326 -12.49 20.42 5.29
C ILE A 326 -11.76 19.08 5.22
N THR A 327 -10.54 19.05 5.74
CA THR A 327 -9.76 17.82 5.89
C THR A 327 -10.27 17.03 7.10
N SER A 328 -9.85 15.77 7.17
CA SER A 328 -10.11 14.96 8.34
C SER A 328 -9.53 15.57 9.63
N GLU A 329 -8.32 16.12 9.58
CA GLU A 329 -7.69 16.68 10.79
C GLU A 329 -8.45 17.90 11.36
N GLN A 330 -9.03 18.73 10.49
CA GLN A 330 -9.89 19.84 10.93
C GLN A 330 -11.29 19.37 11.41
N ALA A 331 -11.83 18.33 10.76
CA ALA A 331 -13.12 17.75 11.18
C ALA A 331 -13.08 17.15 12.60
N MET A 332 -12.01 16.42 12.92
CA MET A 332 -11.79 15.88 14.29
C MET A 332 -11.72 16.98 15.34
N GLN A 333 -11.15 18.13 14.95
CA GLN A 333 -11.02 19.31 15.83
C GLN A 333 -12.30 20.13 16.01
N ASP A 334 -13.38 19.82 15.27
CA ASP A 334 -14.64 20.56 15.34
C ASP A 334 -15.21 20.57 16.77
N PRO A 335 -15.90 21.67 17.17
CA PRO A 335 -16.47 21.71 18.51
C PRO A 335 -17.69 20.78 18.75
N TYR A 336 -18.27 20.23 17.67
CA TYR A 336 -19.24 19.12 17.74
C TYR A 336 -18.78 17.96 18.63
N PHE A 337 -17.47 17.67 18.59
CA PHE A 337 -16.91 16.59 19.42
C PHE A 337 -16.58 17.02 20.86
N LEU A 338 -16.70 18.32 21.15
CA LEU A 338 -16.59 18.87 22.51
C LEU A 338 -17.94 19.18 23.19
N GLU A 339 -19.03 19.02 22.44
CA GLU A 339 -20.40 19.20 22.93
C GLU A 339 -20.90 17.87 23.48
N ASP A 340 -21.67 17.91 24.57
CA ASP A 340 -22.29 16.70 25.12
C ASP A 340 -23.22 16.08 24.05
N PRO A 341 -23.18 14.74 23.87
CA PRO A 341 -22.34 13.73 24.52
C PRO A 341 -20.95 13.62 23.87
N LEU A 342 -19.96 13.27 24.69
CA LEU A 342 -18.60 13.00 24.19
C LEU A 342 -18.58 11.69 23.38
N PRO A 343 -17.71 11.62 22.35
CA PRO A 343 -17.49 10.34 21.67
C PRO A 343 -16.89 9.27 22.58
N THR A 344 -17.34 8.03 22.43
CA THR A 344 -16.86 6.89 23.20
C THR A 344 -16.08 5.94 22.31
N SER A 345 -15.19 5.17 22.91
CA SER A 345 -14.37 4.17 22.18
C SER A 345 -15.24 3.03 21.70
N ASP A 346 -16.12 2.59 22.61
CA ASP A 346 -17.24 1.70 22.30
C ASP A 346 -18.38 2.58 21.76
N VAL A 347 -18.64 2.46 20.46
CA VAL A 347 -19.73 3.19 19.79
C VAL A 347 -21.12 2.88 20.39
N PHE A 348 -21.30 1.66 20.92
CA PHE A 348 -22.56 1.27 21.59
C PHE A 348 -22.66 1.79 23.04
N ALA A 349 -21.60 2.42 23.55
CA ALA A 349 -21.60 3.08 24.86
C ALA A 349 -21.83 2.15 26.05
N GLY A 350 -21.40 0.89 25.91
CA GLY A 350 -21.67 -0.16 26.89
C GLY A 350 -23.06 -0.80 26.84
N CYS A 351 -23.92 -0.34 25.92
CA CYS A 351 -25.32 -0.81 25.82
C CYS A 351 -25.41 -2.13 25.05
N GLN A 352 -26.52 -2.84 25.25
CA GLN A 352 -26.78 -4.11 24.57
C GLN A 352 -26.95 -3.88 23.05
N ILE A 353 -26.29 -4.73 22.25
CA ILE A 353 -26.25 -4.61 20.79
C ILE A 353 -27.44 -5.35 20.18
N PRO A 354 -28.45 -4.60 19.66
CA PRO A 354 -29.71 -5.24 19.22
C PRO A 354 -29.71 -5.72 17.75
N TYR A 355 -28.57 -5.61 17.06
CA TYR A 355 -28.46 -6.00 15.64
C TYR A 355 -28.19 -7.49 15.56
N PRO A 356 -28.69 -8.16 14.50
CA PRO A 356 -28.35 -9.57 14.32
C PRO A 356 -26.92 -9.79 13.80
N LYS A 357 -26.45 -11.03 13.95
CA LYS A 357 -25.16 -11.46 13.41
C LYS A 357 -25.27 -11.64 11.89
N ARG A 358 -24.16 -11.96 11.23
CA ARG A 358 -24.13 -12.12 9.77
C ARG A 358 -24.68 -13.49 9.40
N GLU A 359 -25.57 -13.52 8.42
CA GLU A 359 -26.06 -14.78 7.88
C GLU A 359 -24.94 -15.46 7.08
N PHE A 360 -24.96 -16.78 7.06
CA PHE A 360 -24.03 -17.55 6.24
C PHE A 360 -24.53 -17.65 4.80
N LEU A 361 -23.75 -18.27 3.91
CA LEU A 361 -24.06 -18.34 2.47
C LEU A 361 -23.72 -19.71 1.87
N THR A 362 -24.04 -19.89 0.59
CA THR A 362 -23.72 -21.11 -0.17
C THR A 362 -22.65 -20.84 -1.24
N GLU A 363 -22.26 -21.90 -1.96
CA GLU A 363 -21.23 -21.82 -3.02
C GLU A 363 -21.77 -22.43 -4.32
N LYS B 1 5.27 7.89 -2.72
CA LYS B 1 4.73 8.85 -1.70
C LYS B 1 4.05 8.15 -0.50
N ALA B 2 3.43 6.98 -0.76
CA ALA B 2 2.69 6.22 0.26
C ALA B 2 3.62 5.70 1.37
N MET B 3 3.25 5.98 2.62
CA MET B 3 4.02 5.63 3.84
C MET B 3 5.31 6.45 4.04
N ALA B 4 5.42 7.61 3.37
CA ALA B 4 6.66 8.40 3.38
C ALA B 4 7.26 8.68 4.78
N GLY B 5 6.41 8.99 5.75
CA GLY B 5 6.86 9.32 7.11
C GLY B 5 6.78 8.22 8.18
N ASN B 6 6.51 6.98 7.77
CA ASN B 6 6.25 5.86 8.70
C ASN B 6 7.47 4.94 8.92
N PHE B 7 8.67 5.39 8.55
CA PHE B 7 9.85 4.52 8.56
C PHE B 7 10.11 3.89 9.92
N TRP B 8 9.98 4.68 10.99
CA TRP B 8 10.29 4.21 12.34
C TRP B 8 9.33 3.16 12.92
N GLN B 9 8.18 2.96 12.26
N GLN B 9 8.18 2.94 12.26
CA GLN B 9 7.23 1.89 12.57
CA GLN B 9 7.27 1.85 12.59
C GLN B 9 7.00 0.93 11.39
C GLN B 9 6.99 0.94 11.39
N SER B 10 7.85 1.01 10.36
CA SER B 10 7.68 0.21 9.15
C SER B 10 8.30 -1.17 9.27
N SER B 11 7.90 -2.06 8.36
CA SER B 11 8.41 -3.43 8.33
C SER B 11 9.88 -3.46 7.89
N HIS B 12 10.26 -2.54 7.01
CA HIS B 12 11.66 -2.30 6.65
C HIS B 12 12.48 -2.17 7.94
N TYR B 13 12.17 -1.16 8.74
CA TYR B 13 12.94 -0.86 9.96
C TYR B 13 12.89 -1.99 11.01
N LEU B 14 11.70 -2.51 11.26
CA LEU B 14 11.51 -3.46 12.37
C LEU B 14 11.94 -4.90 12.09
N GLN B 15 12.08 -5.27 10.81
CA GLN B 15 12.48 -6.65 10.44
C GLN B 15 13.67 -6.77 9.52
N TRP B 16 13.93 -5.75 8.70
CA TRP B 16 14.86 -5.86 7.56
C TRP B 16 16.06 -4.91 7.64
N ILE B 17 16.34 -4.36 8.82
CA ILE B 17 17.66 -3.82 9.16
C ILE B 17 18.34 -4.89 10.02
N LEU B 18 19.25 -5.63 9.40
CA LEU B 18 19.84 -6.84 9.99
C LEU B 18 21.10 -6.51 10.78
N ASP B 19 21.44 -7.39 11.72
CA ASP B 19 22.73 -7.35 12.40
C ASP B 19 23.80 -7.87 11.43
N LYS B 20 24.92 -7.17 11.35
CA LYS B 20 26.02 -7.53 10.44
C LYS B 20 26.59 -8.93 10.68
N GLN B 21 26.67 -9.33 11.96
CA GLN B 21 27.23 -10.63 12.35
C GLN B 21 26.29 -11.80 12.04
N ASP B 22 24.98 -11.57 12.17
CA ASP B 22 23.97 -12.56 11.73
C ASP B 22 24.03 -12.75 10.21
N LEU B 23 24.22 -11.66 9.48
CA LEU B 23 24.29 -11.69 8.01
C LEU B 23 25.46 -12.55 7.53
N LEU B 24 26.63 -12.35 8.13
CA LEU B 24 27.84 -13.11 7.77
C LEU B 24 27.83 -14.57 8.21
N LYS B 25 27.11 -14.88 9.30
CA LYS B 25 26.92 -16.28 9.75
C LYS B 25 26.14 -17.12 8.74
N GLU B 26 25.03 -16.59 8.24
CA GLU B 26 24.26 -17.27 7.19
C GLU B 26 25.00 -17.33 5.85
N ARG B 27 25.90 -16.38 5.63
CA ARG B 27 26.73 -16.31 4.42
C ARG B 27 27.82 -17.40 4.35
N GLN B 28 28.22 -17.93 5.51
CA GLN B 28 29.23 -19.00 5.59
C GLN B 28 28.87 -20.26 4.78
N LYS B 29 27.57 -20.52 4.62
CA LYS B 29 27.07 -21.62 3.76
C LYS B 29 27.65 -21.55 2.33
N ASP B 30 27.62 -20.36 1.74
CA ASP B 30 28.13 -20.14 0.38
C ASP B 30 29.64 -19.88 0.33
N LEU B 31 30.24 -19.50 1.47
CA LEU B 31 31.70 -19.26 1.52
C LEU B 31 32.56 -20.54 1.52
N LYS B 32 31.94 -21.71 1.64
CA LYS B 32 32.61 -22.99 1.40
C LYS B 32 32.97 -23.18 -0.08
N PHE B 33 32.14 -22.59 -0.96
CA PHE B 33 32.33 -22.66 -2.41
C PHE B 33 33.03 -21.42 -2.97
N LEU B 34 32.54 -20.25 -2.56
CA LEU B 34 33.06 -18.97 -3.02
C LEU B 34 33.91 -18.32 -1.93
N SER B 35 34.90 -17.52 -2.31
CA SER B 35 35.63 -16.66 -1.37
C SER B 35 34.77 -15.44 -1.04
N GLU B 36 35.09 -14.76 0.06
CA GLU B 36 34.42 -13.48 0.42
C GLU B 36 34.47 -12.48 -0.73
N GLU B 37 35.62 -12.43 -1.38
CA GLU B 37 35.85 -11.57 -2.53
C GLU B 37 34.93 -11.93 -3.69
N GLU B 38 34.91 -13.21 -4.04
CA GLU B 38 34.05 -13.73 -5.12
C GLU B 38 32.56 -13.53 -4.85
N TYR B 39 32.19 -13.61 -3.57
CA TYR B 39 30.80 -13.42 -3.16
C TYR B 39 30.30 -12.00 -3.39
N TRP B 40 31.14 -10.98 -3.12
CA TRP B 40 30.72 -9.60 -3.39
C TRP B 40 30.73 -9.26 -4.88
N LYS B 41 31.67 -9.85 -5.63
CA LYS B 41 31.70 -9.72 -7.09
C LYS B 41 30.40 -10.25 -7.72
N LEU B 42 29.91 -11.38 -7.19
CA LEU B 42 28.58 -11.89 -7.56
C LEU B 42 27.46 -10.91 -7.21
N GLN B 43 27.54 -10.32 -6.01
CA GLN B 43 26.58 -9.27 -5.59
C GLN B 43 26.59 -8.06 -6.51
N ILE B 44 27.79 -7.59 -6.87
CA ILE B 44 27.93 -6.50 -7.82
C ILE B 44 27.37 -6.87 -9.18
N PHE B 45 27.70 -8.06 -9.65
CA PHE B 45 27.23 -8.56 -10.94
C PHE B 45 25.71 -8.56 -11.06
N PHE B 46 25.02 -9.11 -10.07
CA PHE B 46 23.56 -9.24 -10.14
C PHE B 46 22.81 -7.95 -9.83
N THR B 47 23.49 -6.98 -9.20
CA THR B 47 22.92 -5.64 -9.06
C THR B 47 22.88 -4.96 -10.45
N ASN B 48 23.89 -5.22 -11.26
CA ASN B 48 23.94 -4.72 -12.63
C ASN B 48 22.94 -5.38 -13.57
N VAL B 49 22.72 -6.69 -13.40
CA VAL B 49 21.68 -7.39 -14.15
C VAL B 49 20.29 -6.79 -13.90
N ILE B 50 19.95 -6.64 -12.63
CA ILE B 50 18.67 -6.05 -12.21
C ILE B 50 18.54 -4.59 -12.72
N GLN B 51 19.63 -3.84 -12.69
CA GLN B 51 19.68 -2.48 -13.25
C GLN B 51 19.42 -2.49 -14.76
N ALA B 52 20.11 -3.37 -15.48
CA ALA B 52 19.91 -3.52 -16.93
C ALA B 52 18.48 -3.93 -17.28
N LEU B 53 17.93 -4.90 -16.54
CA LEU B 53 16.52 -5.28 -16.71
C LEU B 53 15.59 -4.07 -16.55
N GLY B 54 15.84 -3.28 -15.49
CA GLY B 54 15.04 -2.09 -15.22
C GLY B 54 15.09 -1.02 -16.29
N GLU B 55 16.29 -0.76 -16.82
CA GLU B 55 16.47 0.21 -17.91
C GLU B 55 15.73 -0.24 -19.16
N HIS B 56 15.90 -1.51 -19.53
CA HIS B 56 15.24 -2.08 -20.70
C HIS B 56 13.71 -1.96 -20.60
N LEU B 57 13.17 -2.27 -19.43
CA LEU B 57 11.71 -2.15 -19.17
C LEU B 57 11.23 -0.70 -18.94
N LYS B 58 12.16 0.27 -18.90
CA LYS B 58 11.85 1.70 -18.74
C LYS B 58 11.25 1.99 -17.36
N LEU B 59 11.72 1.27 -16.35
CA LEU B 59 11.28 1.47 -14.98
C LEU B 59 12.10 2.57 -14.30
N ARG B 60 11.45 3.35 -13.45
CA ARG B 60 12.11 4.41 -12.70
C ARG B 60 13.01 3.79 -11.63
N GLN B 61 14.03 4.54 -11.23
CA GLN B 61 15.10 4.03 -10.38
C GLN B 61 14.61 3.42 -9.06
N GLN B 62 13.62 4.05 -8.45
CA GLN B 62 13.09 3.59 -7.17
C GLN B 62 12.49 2.18 -7.25
N VAL B 63 11.84 1.87 -8.38
CA VAL B 63 11.32 0.51 -8.65
C VAL B 63 12.46 -0.49 -8.81
N ILE B 64 13.51 -0.09 -9.53
CA ILE B 64 14.71 -0.89 -9.71
C ILE B 64 15.37 -1.17 -8.35
N ALA B 65 15.37 -0.16 -7.48
CA ALA B 65 15.98 -0.28 -6.15
C ALA B 65 15.21 -1.21 -5.21
N THR B 66 13.88 -1.11 -5.21
CA THR B 66 13.03 -2.09 -4.49
C THR B 66 13.33 -3.51 -4.96
N ALA B 67 13.47 -3.68 -6.29
CA ALA B 67 13.84 -4.97 -6.88
C ALA B 67 15.19 -5.49 -6.37
N THR B 68 16.18 -4.61 -6.35
CA THR B 68 17.49 -4.98 -5.87
C THR B 68 17.46 -5.41 -4.41
N VAL B 69 16.66 -4.69 -3.60
CA VAL B 69 16.52 -4.99 -2.18
C VAL B 69 15.81 -6.34 -1.94
N TYR B 70 14.79 -6.67 -2.75
CA TYR B 70 14.16 -7.99 -2.69
C TYR B 70 15.20 -9.12 -2.91
N PHE B 71 16.02 -8.95 -3.93
CA PHE B 71 17.08 -9.91 -4.27
C PHE B 71 18.10 -10.06 -3.12
N LYS B 72 18.53 -8.94 -2.55
CA LYS B 72 19.47 -8.94 -1.43
C LYS B 72 18.90 -9.60 -0.17
N ARG B 73 17.64 -9.30 0.14
CA ARG B 73 16.97 -9.90 1.29
C ARG B 73 16.84 -11.40 1.19
N PHE B 74 16.56 -11.90 -0.01
CA PHE B 74 16.39 -13.34 -0.22
C PHE B 74 17.70 -14.11 0.03
N TYR B 75 18.77 -13.69 -0.63
CA TYR B 75 20.08 -14.33 -0.50
C TYR B 75 20.83 -13.99 0.80
N ALA B 76 20.36 -12.99 1.55
CA ALA B 76 20.81 -12.78 2.93
C ALA B 76 20.33 -13.88 3.87
N ARG B 77 19.15 -14.43 3.58
CA ARG B 77 18.53 -15.52 4.36
C ARG B 77 18.86 -16.90 3.79
N TYR B 78 18.98 -17.02 2.47
CA TYR B 78 19.12 -18.32 1.80
C TYR B 78 20.33 -18.44 0.88
N SER B 79 20.68 -19.70 0.58
CA SER B 79 21.84 -20.02 -0.25
C SER B 79 21.57 -19.66 -1.71
N LEU B 80 22.64 -19.36 -2.45
CA LEU B 80 22.59 -19.16 -3.91
C LEU B 80 22.14 -20.42 -4.66
N LYS B 81 22.32 -21.58 -4.05
CA LYS B 81 21.87 -22.85 -4.63
C LYS B 81 20.36 -23.07 -4.56
N SER B 82 19.64 -22.29 -3.75
CA SER B 82 18.24 -22.56 -3.43
C SER B 82 17.31 -22.26 -4.60
N ILE B 83 17.46 -21.06 -5.15
CA ILE B 83 16.86 -20.69 -6.45
C ILE B 83 17.94 -20.03 -7.31
N ASP B 84 17.97 -20.38 -8.58
CA ASP B 84 18.91 -19.79 -9.53
C ASP B 84 18.76 -18.26 -9.51
N PRO B 85 19.85 -17.52 -9.22
CA PRO B 85 19.74 -16.05 -9.25
C PRO B 85 19.38 -15.45 -10.62
N VAL B 86 19.65 -16.19 -11.70
CA VAL B 86 19.19 -15.79 -13.04
C VAL B 86 17.65 -15.79 -13.11
N LEU B 87 16.98 -16.67 -12.36
CA LEU B 87 15.51 -16.67 -12.26
C LEU B 87 15.02 -15.60 -11.28
N MET B 88 15.76 -15.40 -10.18
CA MET B 88 15.33 -14.51 -9.11
C MET B 88 15.34 -13.03 -9.51
N ALA B 89 16.30 -12.65 -10.34
CA ALA B 89 16.50 -11.25 -10.75
C ALA B 89 15.29 -10.65 -11.48
N PRO B 90 14.83 -11.30 -12.57
CA PRO B 90 13.60 -10.83 -13.22
C PRO B 90 12.34 -10.99 -12.38
N THR B 91 12.28 -12.01 -11.53
CA THR B 91 11.16 -12.15 -10.60
C THR B 91 11.07 -10.95 -9.64
N CYS B 92 12.23 -10.45 -9.20
CA CYS B 92 12.30 -9.31 -8.29
C CYS B 92 11.86 -8.02 -8.96
N VAL B 93 12.22 -7.87 -10.23
CA VAL B 93 11.75 -6.74 -11.04
C VAL B 93 10.24 -6.81 -11.25
N PHE B 94 9.76 -7.99 -11.65
CA PHE B 94 8.32 -8.26 -11.82
C PHE B 94 7.52 -7.84 -10.59
N LEU B 95 7.87 -8.38 -9.43
CA LEU B 95 7.15 -8.09 -8.19
C LEU B 95 7.23 -6.61 -7.78
N ALA B 96 8.43 -6.03 -7.91
CA ALA B 96 8.64 -4.63 -7.57
C ALA B 96 7.83 -3.70 -8.45
N SER B 97 7.82 -3.97 -9.77
CA SER B 97 6.93 -3.25 -10.71
C SER B 97 5.45 -3.29 -10.33
N LYS B 98 5.00 -4.43 -9.78
CA LYS B 98 3.60 -4.58 -9.38
C LYS B 98 3.24 -3.85 -8.08
N VAL B 99 4.22 -3.51 -7.25
CA VAL B 99 3.97 -2.77 -6.00
C VAL B 99 3.63 -1.31 -6.30
N GLU B 100 4.31 -0.73 -7.29
CA GLU B 100 3.99 0.63 -7.76
C GLU B 100 2.75 0.58 -8.67
N GLU B 101 2.02 1.68 -8.68
CA GLU B 101 0.68 1.74 -9.28
C GLU B 101 0.64 2.21 -10.74
N PHE B 102 1.67 2.92 -11.19
CA PHE B 102 1.68 3.51 -12.53
C PHE B 102 2.23 2.48 -13.54
N GLY B 103 1.31 1.78 -14.21
CA GLY B 103 1.65 0.79 -15.23
C GLY B 103 1.95 -0.59 -14.70
N VAL B 104 1.84 -1.60 -15.57
CA VAL B 104 2.14 -2.99 -15.24
C VAL B 104 3.02 -3.63 -16.32
N VAL B 105 4.00 -4.44 -15.89
CA VAL B 105 4.88 -5.17 -16.80
C VAL B 105 4.17 -6.46 -17.21
N SER B 106 3.92 -6.63 -18.51
CA SER B 106 3.23 -7.83 -19.02
C SER B 106 4.16 -9.05 -19.04
N ASN B 107 3.57 -10.22 -19.27
CA ASN B 107 4.29 -11.50 -19.21
C ASN B 107 5.31 -11.63 -20.34
N THR B 108 4.84 -11.45 -21.57
CA THR B 108 5.70 -11.51 -22.77
C THR B 108 6.81 -10.46 -22.78
N ARG B 109 6.53 -9.28 -22.23
CA ARG B 109 7.49 -8.17 -22.15
C ARG B 109 8.55 -8.40 -21.08
N LEU B 110 8.19 -9.08 -19.98
CA LEU B 110 9.16 -9.48 -18.96
C LEU B 110 10.15 -10.52 -19.48
N ILE B 111 9.63 -11.59 -20.09
CA ILE B 111 10.46 -12.67 -20.64
C ILE B 111 11.36 -12.18 -21.77
N ALA B 112 10.81 -11.36 -22.67
CA ALA B 112 11.58 -10.77 -23.78
C ALA B 112 12.69 -9.85 -23.29
N ALA B 113 12.44 -9.15 -22.18
CA ALA B 113 13.43 -8.26 -21.57
C ALA B 113 14.60 -9.04 -20.94
N ALA B 114 14.28 -10.10 -20.19
CA ALA B 114 15.30 -10.98 -19.62
C ALA B 114 16.15 -11.62 -20.73
N THR B 115 15.49 -12.14 -21.76
CA THR B 115 16.16 -12.76 -22.90
C THR B 115 17.14 -11.78 -23.57
N SER B 116 16.65 -10.57 -23.85
CA SER B 116 17.39 -9.57 -24.60
C SER B 116 18.55 -8.96 -23.82
N VAL B 117 18.34 -8.69 -22.53
CA VAL B 117 19.38 -8.10 -21.67
C VAL B 117 20.56 -9.07 -21.48
N LEU B 118 20.27 -10.34 -21.21
CA LEU B 118 21.33 -11.33 -21.01
C LEU B 118 22.13 -11.66 -22.28
N LYS B 119 21.46 -11.65 -23.43
CA LYS B 119 22.12 -11.93 -24.71
C LYS B 119 22.98 -10.76 -25.15
N THR B 120 22.44 -9.54 -25.05
CA THR B 120 23.08 -8.36 -25.63
C THR B 120 24.06 -7.65 -24.71
N ARG B 121 23.79 -7.68 -23.40
CA ARG B 121 24.63 -6.96 -22.42
C ARG B 121 25.47 -7.87 -21.50
N PHE B 122 25.08 -9.13 -21.34
CA PHE B 122 25.79 -10.07 -20.45
C PHE B 122 26.27 -11.38 -21.10
N SER B 123 26.57 -11.36 -22.39
CA SER B 123 27.04 -12.59 -23.08
C SER B 123 28.44 -13.08 -22.63
N TYR B 124 29.20 -12.22 -21.96
CA TYR B 124 30.44 -12.64 -21.28
C TYR B 124 30.20 -13.70 -20.19
N ALA B 125 29.12 -13.51 -19.42
CA ALA B 125 28.75 -14.41 -18.31
C ALA B 125 27.89 -15.60 -18.77
N PHE B 126 27.03 -15.38 -19.76
CA PHE B 126 26.05 -16.39 -20.20
C PHE B 126 26.18 -16.72 -21.70
N PRO B 127 26.66 -17.93 -22.03
CA PRO B 127 26.67 -18.36 -23.43
C PRO B 127 25.30 -18.86 -23.94
N LYS B 128 24.53 -19.54 -23.08
CA LYS B 128 23.19 -20.04 -23.44
C LYS B 128 22.12 -18.98 -23.19
N GLU B 129 21.08 -18.98 -24.01
CA GLU B 129 19.97 -18.03 -23.89
C GLU B 129 19.19 -18.23 -22.58
N PHE B 130 18.47 -17.19 -22.14
CA PHE B 130 17.59 -17.25 -20.97
C PHE B 130 16.62 -18.43 -21.11
N PRO B 131 16.77 -19.48 -20.26
CA PRO B 131 16.00 -20.72 -20.44
C PRO B 131 14.62 -20.75 -19.76
N TYR B 132 14.37 -19.86 -18.81
CA TYR B 132 13.11 -19.90 -18.04
C TYR B 132 11.96 -19.25 -18.79
N ARG B 133 10.81 -19.90 -18.75
CA ARG B 133 9.54 -19.37 -19.27
C ARG B 133 8.81 -18.62 -18.14
N MET B 134 7.67 -18.02 -18.46
CA MET B 134 6.91 -17.22 -17.50
C MET B 134 6.40 -18.00 -16.28
N ASN B 135 5.98 -19.25 -16.47
CA ASN B 135 5.50 -20.06 -15.32
C ASN B 135 6.59 -20.31 -14.25
N HIS B 136 7.86 -20.25 -14.63
CA HIS B 136 8.98 -20.26 -13.67
C HIS B 136 9.09 -18.97 -12.86
N ILE B 137 8.72 -17.84 -13.49
CA ILE B 137 8.65 -16.55 -12.81
C ILE B 137 7.53 -16.57 -11.78
N LEU B 138 6.35 -17.00 -12.20
CA LEU B 138 5.17 -17.05 -11.34
C LEU B 138 5.34 -17.95 -10.11
N GLU B 139 6.10 -19.04 -10.26
CA GLU B 139 6.32 -19.99 -9.16
C GLU B 139 7.32 -19.38 -8.16
N CYS B 140 8.45 -18.91 -8.70
CA CYS B 140 9.46 -18.17 -7.94
C CYS B 140 8.90 -16.95 -7.19
N GLU B 141 7.89 -16.30 -7.77
CA GLU B 141 7.22 -15.16 -7.16
C GLU B 141 6.60 -15.50 -5.81
N PHE B 142 5.96 -16.67 -5.75
CA PHE B 142 5.34 -17.15 -4.51
C PHE B 142 6.37 -17.38 -3.40
N TYR B 143 7.53 -17.93 -3.74
CA TYR B 143 8.60 -18.17 -2.75
C TYR B 143 9.22 -16.86 -2.24
N LEU B 144 9.41 -15.90 -3.15
CA LEU B 144 10.01 -14.60 -2.82
C LEU B 144 9.17 -13.79 -1.84
N LEU B 145 7.88 -13.64 -2.17
CA LEU B 145 6.92 -12.95 -1.33
C LEU B 145 6.87 -13.58 0.07
N GLU B 146 6.88 -14.91 0.10
CA GLU B 146 6.80 -15.70 1.32
C GLU B 146 8.05 -15.59 2.18
N LEU B 147 9.22 -15.58 1.55
CA LEU B 147 10.48 -15.44 2.28
C LEU B 147 10.65 -14.05 2.88
N MET B 148 10.19 -13.03 2.14
CA MET B 148 10.19 -11.66 2.66
C MET B 148 9.07 -11.37 3.67
N ASP B 149 8.29 -12.39 4.06
CA ASP B 149 7.21 -12.23 5.04
C ASP B 149 6.23 -11.14 4.57
N CYS B 150 5.95 -11.15 3.26
CA CYS B 150 5.08 -10.17 2.60
C CYS B 150 5.46 -8.68 2.81
N CYS B 151 6.76 -8.40 3.04
CA CYS B 151 7.25 -7.03 3.22
C CYS B 151 7.64 -6.44 1.88
N LEU B 152 6.81 -5.55 1.36
CA LEU B 152 6.96 -5.03 -0.02
C LEU B 152 7.39 -3.55 -0.09
N ILE B 153 6.93 -2.73 0.85
CA ILE B 153 7.32 -1.32 0.91
C ILE B 153 8.77 -1.19 1.39
N VAL B 154 9.61 -0.58 0.53
CA VAL B 154 11.03 -0.39 0.79
C VAL B 154 11.37 1.09 0.68
N TYR B 155 12.03 1.61 1.70
CA TYR B 155 12.47 3.00 1.76
C TYR B 155 13.89 3.06 1.22
N HIS B 156 14.20 4.10 0.45
CA HIS B 156 15.48 4.24 -0.24
C HIS B 156 16.11 5.59 0.10
N PRO B 157 17.42 5.77 -0.19
CA PRO B 157 18.07 7.06 0.13
C PRO B 157 17.75 8.24 -0.81
N TYR B 158 17.05 7.99 -1.91
CA TYR B 158 16.84 9.02 -2.93
C TYR B 158 16.01 10.20 -2.40
N ARG B 159 14.92 9.87 -1.71
CA ARG B 159 14.00 10.88 -1.16
C ARG B 159 14.67 11.78 -0.09
N PRO B 160 15.30 11.19 0.95
CA PRO B 160 16.02 12.05 1.90
C PRO B 160 17.19 12.85 1.28
N LEU B 161 17.92 12.24 0.35
CA LEU B 161 19.01 12.96 -0.36
C LEU B 161 18.51 14.25 -1.02
N LEU B 162 17.37 14.15 -1.71
CA LEU B 162 16.75 15.31 -2.38
C LEU B 162 16.40 16.40 -1.37
N GLN B 163 15.85 16.00 -0.23
CA GLN B 163 15.53 16.94 0.86
C GLN B 163 16.78 17.58 1.48
N TYR B 164 17.87 16.83 1.59
CA TYR B 164 19.13 17.36 2.11
C TYR B 164 19.84 18.34 1.16
N VAL B 165 19.90 18.03 -0.14
CA VAL B 165 20.53 18.94 -1.13
C VAL B 165 19.71 20.23 -1.34
N GLN B 166 18.39 20.11 -1.34
CA GLN B 166 17.48 21.26 -1.30
C GLN B 166 17.71 22.16 -0.07
N ASP B 167 17.94 21.52 1.09
CA ASP B 167 18.23 22.24 2.34
C ASP B 167 19.57 22.99 2.28
N MET B 168 20.61 22.37 1.71
CA MET B 168 21.91 23.04 1.47
C MET B 168 21.84 24.16 0.46
N GLY B 169 20.88 24.09 -0.46
CA GLY B 169 20.78 25.03 -1.58
C GLY B 169 21.87 24.84 -2.61
N GLN B 170 22.25 23.57 -2.84
CA GLN B 170 23.25 23.22 -3.85
C GLN B 170 22.79 22.00 -4.65
N GLU B 171 21.56 22.09 -5.16
CA GLU B 171 20.94 21.03 -5.96
C GLU B 171 21.65 20.87 -7.31
N ASP B 172 21.98 21.98 -7.96
CA ASP B 172 22.60 21.96 -9.29
C ASP B 172 24.00 21.34 -9.30
N MET B 173 24.80 21.68 -8.28
CA MET B 173 26.20 21.27 -8.23
C MET B 173 26.37 19.81 -7.77
N LEU B 174 25.68 19.44 -6.68
CA LEU B 174 25.94 18.19 -5.95
C LEU B 174 24.99 17.00 -6.26
N LEU B 175 23.74 17.29 -6.65
CA LEU B 175 22.70 16.24 -6.75
C LEU B 175 22.97 15.14 -7.79
N PRO B 176 23.41 15.51 -9.01
CA PRO B 176 23.78 14.45 -9.98
C PRO B 176 24.88 13.49 -9.47
N LEU B 177 25.93 14.04 -8.87
CA LEU B 177 27.02 13.21 -8.37
C LEU B 177 26.60 12.37 -7.17
N ALA B 178 25.88 12.98 -6.23
CA ALA B 178 25.40 12.28 -5.03
C ALA B 178 24.36 11.20 -5.33
N TRP B 179 23.47 11.47 -6.27
CA TRP B 179 22.45 10.49 -6.71
C TRP B 179 23.12 9.23 -7.29
N ARG B 180 24.15 9.44 -8.09
CA ARG B 180 24.95 8.37 -8.69
C ARG B 180 25.68 7.54 -7.62
N ILE B 181 26.11 8.17 -6.54
CA ILE B 181 26.71 7.44 -5.42
C ILE B 181 25.67 6.58 -4.68
N VAL B 182 24.45 7.07 -4.52
CA VAL B 182 23.36 6.25 -3.92
C VAL B 182 23.15 4.98 -4.77
N ASN B 183 23.02 5.14 -6.09
CA ASN B 183 22.99 4.00 -7.02
C ASN B 183 24.11 2.99 -6.74
N ASP B 184 25.34 3.48 -6.60
CA ASP B 184 26.51 2.64 -6.37
C ASP B 184 26.48 1.88 -5.04
N THR B 185 25.88 2.47 -4.00
CA THR B 185 25.80 1.82 -2.70
C THR B 185 24.99 0.51 -2.71
N TYR B 186 24.10 0.35 -3.69
CA TYR B 186 23.37 -0.91 -3.90
C TYR B 186 24.25 -2.09 -4.37
N ARG B 187 25.52 -1.82 -4.69
CA ARG B 187 26.50 -2.86 -4.93
C ARG B 187 27.00 -3.51 -3.63
N THR B 188 26.66 -2.91 -2.49
CA THR B 188 27.09 -3.36 -1.18
C THR B 188 25.89 -3.84 -0.35
N ASP B 189 26.19 -4.29 0.87
CA ASP B 189 25.17 -4.64 1.86
C ASP B 189 24.53 -3.45 2.59
N LEU B 190 24.96 -2.22 2.30
CA LEU B 190 24.56 -1.04 3.07
C LEU B 190 23.05 -0.91 3.35
N CYS B 191 22.22 -1.25 2.37
CA CYS B 191 20.74 -1.18 2.51
C CYS B 191 20.12 -2.22 3.46
N LEU B 192 20.86 -3.26 3.84
CA LEU B 192 20.45 -4.23 4.86
C LEU B 192 20.90 -3.86 6.28
N LEU B 193 21.81 -2.88 6.41
CA LEU B 193 22.48 -2.57 7.67
C LEU B 193 22.28 -1.14 8.25
N TYR B 194 21.89 -0.18 7.42
CA TYR B 194 21.71 1.23 7.85
C TYR B 194 20.39 1.81 7.35
N PRO B 195 19.75 2.72 8.14
CA PRO B 195 18.57 3.41 7.62
C PRO B 195 18.89 4.31 6.42
N PRO B 196 17.98 4.41 5.44
CA PRO B 196 18.20 5.19 4.20
C PRO B 196 18.77 6.60 4.32
N PHE B 197 18.34 7.36 5.32
CA PHE B 197 18.79 8.75 5.47
C PHE B 197 20.28 8.83 5.79
N MET B 198 20.78 7.87 6.58
CA MET B 198 22.21 7.79 6.89
C MET B 198 23.03 7.45 5.66
N ILE B 199 22.51 6.56 4.82
CA ILE B 199 23.16 6.24 3.55
C ILE B 199 23.15 7.50 2.66
N ALA B 200 21.99 8.15 2.59
CA ALA B 200 21.86 9.44 1.89
C ALA B 200 22.93 10.46 2.33
N LEU B 201 23.07 10.61 3.65
CA LEU B 201 24.03 11.53 4.26
C LEU B 201 25.49 11.21 3.93
N ALA B 202 25.84 9.92 4.00
CA ALA B 202 27.18 9.45 3.60
C ALA B 202 27.46 9.74 2.13
N CYS B 203 26.49 9.46 1.27
CA CYS B 203 26.63 9.75 -0.17
C CYS B 203 26.79 11.23 -0.48
N LEU B 204 26.06 12.08 0.26
CA LEU B 204 26.20 13.54 0.11
C LEU B 204 27.58 14.02 0.55
N HIS B 205 28.08 13.48 1.66
CA HIS B 205 29.41 13.80 2.17
C HIS B 205 30.51 13.47 1.17
N VAL B 206 30.46 12.28 0.58
CA VAL B 206 31.39 11.86 -0.47
C VAL B 206 31.30 12.74 -1.73
N ALA B 207 30.08 13.11 -2.13
CA ALA B 207 29.87 14.07 -3.22
C ALA B 207 30.53 15.42 -2.94
N CYS B 208 30.43 15.89 -1.70
CA CYS B 208 31.07 17.16 -1.28
C CYS B 208 32.60 17.09 -1.29
N VAL B 209 33.16 15.96 -0.84
CA VAL B 209 34.61 15.72 -0.83
C VAL B 209 35.19 15.65 -2.25
N VAL B 210 34.50 14.95 -3.15
CA VAL B 210 34.92 14.84 -4.55
C VAL B 210 34.91 16.20 -5.26
N GLN B 211 33.87 17.01 -5.02
CA GLN B 211 33.73 18.32 -5.66
C GLN B 211 34.37 19.48 -4.88
N GLN B 212 35.09 19.16 -3.80
CA GLN B 212 35.74 20.15 -2.93
C GLN B 212 34.75 21.21 -2.40
N LYS B 213 33.53 20.77 -2.08
CA LYS B 213 32.51 21.61 -1.45
C LYS B 213 32.75 21.53 0.05
N ASP B 214 32.88 22.69 0.70
CA ASP B 214 33.06 22.77 2.15
C ASP B 214 31.68 22.81 2.83
N ALA B 215 31.22 21.64 3.28
CA ALA B 215 29.94 21.50 4.01
C ALA B 215 30.16 21.10 5.48
N ARG B 216 31.26 21.54 6.08
CA ARG B 216 31.64 21.15 7.45
C ARG B 216 30.58 21.55 8.51
N GLN B 217 30.21 22.82 8.53
CA GLN B 217 29.24 23.32 9.52
C GLN B 217 27.80 22.86 9.24
N TRP B 218 27.45 22.67 7.96
CA TRP B 218 26.15 22.09 7.62
C TRP B 218 26.03 20.66 8.18
N PHE B 219 27.10 19.88 8.05
CA PHE B 219 27.14 18.52 8.62
C PHE B 219 27.19 18.52 10.16
N ALA B 220 27.92 19.47 10.74
CA ALA B 220 27.92 19.66 12.20
C ALA B 220 26.53 20.03 12.74
N GLU B 221 25.80 20.89 12.03
CA GLU B 221 24.43 21.32 12.40
C GLU B 221 23.36 20.22 12.40
N LEU B 222 23.66 19.05 11.84
CA LEU B 222 22.77 17.88 11.95
C LEU B 222 22.88 17.25 13.33
N SER B 223 21.78 16.66 13.79
CA SER B 223 21.77 15.83 14.99
C SER B 223 21.67 14.37 14.56
N VAL B 224 22.81 13.71 14.44
CA VAL B 224 22.88 12.30 14.06
C VAL B 224 24.23 11.72 14.48
N ASP B 225 24.28 10.40 14.68
CA ASP B 225 25.54 9.72 15.03
C ASP B 225 26.45 9.74 13.80
N MET B 226 27.53 10.52 13.88
CA MET B 226 28.50 10.63 12.79
C MET B 226 29.35 9.37 12.63
N GLU B 227 29.71 8.71 13.74
CA GLU B 227 30.51 7.47 13.69
C GLU B 227 29.92 6.44 12.73
N LYS B 228 28.59 6.27 12.78
CA LYS B 228 27.88 5.41 11.84
C LYS B 228 27.92 5.94 10.40
N ILE B 229 27.79 7.25 10.22
CA ILE B 229 27.94 7.89 8.91
C ILE B 229 29.36 7.67 8.37
N LEU B 230 30.35 7.72 9.26
CA LEU B 230 31.74 7.40 8.89
C LEU B 230 31.88 5.94 8.45
N GLU B 231 31.24 5.02 9.17
CA GLU B 231 31.23 3.59 8.78
C GLU B 231 30.75 3.35 7.34
N ILE B 232 29.74 4.12 6.93
CA ILE B 232 29.17 4.04 5.57
C ILE B 232 30.12 4.62 4.52
N ILE B 233 30.72 5.77 4.83
CA ILE B 233 31.72 6.41 3.97
C ILE B 233 32.84 5.43 3.65
N ARG B 234 33.34 4.73 4.66
CA ARG B 234 34.41 3.74 4.46
C ARG B 234 33.97 2.58 3.57
N VAL B 235 32.71 2.14 3.69
CA VAL B 235 32.18 1.11 2.78
C VAL B 235 32.10 1.63 1.32
N ILE B 236 31.71 2.89 1.16
CA ILE B 236 31.64 3.54 -0.16
C ILE B 236 33.03 3.74 -0.78
N LEU B 237 33.98 4.22 0.03
CA LEU B 237 35.36 4.39 -0.44
C LEU B 237 36.03 3.05 -0.78
N LYS B 238 35.73 2.00 -0.02
CA LYS B 238 36.24 0.65 -0.31
C LYS B 238 35.60 0.06 -1.55
N LEU B 239 34.32 0.36 -1.79
CA LEU B 239 33.65 -0.09 -3.02
C LEU B 239 34.29 0.42 -4.30
N TYR B 240 34.81 1.65 -4.29
CA TYR B 240 35.48 2.18 -5.48
C TYR B 240 36.85 1.55 -5.73
N GLU B 241 37.54 1.13 -4.67
CA GLU B 241 38.79 0.36 -4.82
C GLU B 241 38.51 -1.07 -5.30
N GLN B 242 37.44 -1.68 -4.77
CA GLN B 242 36.89 -2.95 -5.29
C GLN B 242 36.63 -2.83 -6.81
N TRP B 243 35.89 -1.79 -7.19
CA TRP B 243 35.51 -1.48 -8.59
C TRP B 243 36.74 -1.41 -9.50
N LYS B 244 37.71 -0.59 -9.10
CA LYS B 244 38.98 -0.44 -9.82
C LYS B 244 39.67 -1.78 -10.08
N ASN B 245 39.84 -2.58 -9.02
CA ASN B 245 40.60 -3.83 -9.07
C ASN B 245 39.81 -5.04 -9.61
N PHE B 246 38.57 -4.83 -10.05
CA PHE B 246 37.65 -5.88 -10.49
C PHE B 246 37.33 -5.71 -11.98
N ASP B 247 37.69 -6.69 -12.80
CA ASP B 247 37.19 -6.77 -14.17
C ASP B 247 36.07 -7.81 -14.24
N GLU B 248 34.86 -7.33 -13.95
CA GLU B 248 33.60 -8.08 -14.07
C GLU B 248 33.52 -8.97 -15.31
N ARG B 249 33.78 -8.39 -16.48
N ARG B 249 33.78 -8.39 -16.48
CA ARG B 249 33.68 -9.10 -17.76
CA ARG B 249 33.69 -9.10 -17.76
C ARG B 249 34.66 -10.28 -17.90
C ARG B 249 34.66 -10.29 -17.88
N LYS B 250 35.92 -10.07 -17.50
CA LYS B 250 36.95 -11.12 -17.55
C LYS B 250 36.79 -12.22 -16.49
N GLU B 251 36.18 -11.90 -15.34
CA GLU B 251 36.14 -12.81 -14.18
C GLU B 251 34.82 -13.57 -13.95
N MET B 252 33.70 -13.04 -14.42
CA MET B 252 32.39 -13.51 -13.93
C MET B 252 31.92 -14.87 -14.46
N ALA B 253 32.45 -15.33 -15.59
CA ALA B 253 32.16 -16.67 -16.09
C ALA B 253 32.68 -17.72 -15.12
N THR B 254 33.95 -17.58 -14.72
CA THR B 254 34.59 -18.49 -13.76
C THR B 254 33.90 -18.50 -12.38
N ILE B 255 33.51 -17.32 -11.91
CA ILE B 255 32.90 -17.17 -10.58
C ILE B 255 31.49 -17.79 -10.53
N LEU B 256 30.72 -17.59 -11.60
CA LEU B 256 29.39 -18.20 -11.73
C LEU B 256 29.42 -19.73 -11.84
N SER B 257 30.54 -20.31 -12.28
CA SER B 257 30.70 -21.79 -12.27
C SER B 257 31.09 -22.33 -10.89
N LYS B 258 31.74 -21.53 -10.06
CA LYS B 258 32.02 -21.88 -8.66
C LYS B 258 30.79 -21.81 -7.74
N MET B 259 29.73 -21.11 -8.15
CA MET B 259 28.47 -21.04 -7.38
C MET B 259 27.93 -22.44 -7.07
N PRO B 260 27.48 -22.66 -5.83
CA PRO B 260 26.87 -23.95 -5.54
C PRO B 260 25.60 -24.14 -6.37
N LYS B 261 25.41 -25.36 -6.88
CA LYS B 261 24.35 -25.67 -7.83
C LYS B 261 23.12 -26.23 -7.10
N PRO B 262 21.90 -25.91 -7.60
CA PRO B 262 20.69 -26.54 -7.05
C PRO B 262 20.66 -28.04 -7.31
N LYS B 263 20.54 -28.83 -6.24
CA LYS B 263 20.45 -30.29 -6.37
C LYS B 263 19.09 -30.67 -6.97
N PRO B 264 19.09 -31.48 -8.05
CA PRO B 264 17.82 -31.93 -8.61
C PRO B 264 17.17 -33.03 -7.76
N PRO B 265 15.88 -33.35 -8.01
CA PRO B 265 15.18 -34.40 -7.26
C PRO B 265 15.63 -35.80 -7.68
N PRO B 266 15.99 -36.67 -6.70
CA PRO B 266 16.43 -38.03 -7.05
C PRO B 266 15.25 -38.95 -7.37
C2 5Y6 C . -12.99 -6.50 0.43
C4 5Y6 C . -14.93 -6.49 1.67
C5 5Y6 C . -13.77 -7.12 2.45
C6 5Y6 C . -13.36 -6.25 3.64
C7 5Y6 C . -14.38 -6.28 4.77
C11 5Y6 C . -14.81 -8.08 6.48
C12 5Y6 C . -13.67 -8.12 7.29
C16 5Y6 C . -16.09 -8.84 8.40
C17 5Y6 C . -16.05 -8.46 7.06
C18 5Y6 C . -17.31 -8.44 6.28
C19 5Y6 C . -17.77 -7.24 5.77
C21 5Y6 C . -19.52 -5.94 4.40
C27 5Y6 C . -19.66 -8.33 4.77
O1 5Y6 C . -12.19 -6.29 -0.46
N3 5Y6 C . -14.26 -6.05 0.44
N8 5Y6 C . -14.75 -7.67 5.14
C9 5Y6 C . -15.12 -8.57 4.05
C10 5Y6 C . -14.10 -8.55 2.90
CL 5Y6 C . -12.09 -7.70 6.74
C14 5Y6 C . -13.82 -8.52 8.62
N15 5Y6 C . -14.99 -8.87 9.13
C20 5Y6 C . -18.93 -7.18 5.02
S22 5Y6 C . -20.75 -6.67 3.29
O23 5Y6 C . -22.02 -6.08 3.47
O24 5Y6 C . -20.18 -6.90 2.02
N25 5Y6 C . -20.82 -8.18 3.98
C26 5Y6 C . -21.87 -9.17 3.77
C28 5Y6 C . -19.20 -9.55 5.28
C29 5Y6 C . -18.04 -9.61 6.03
O30 5Y6 C . -12.69 -7.22 1.50
S DMS D . -9.75 -5.18 3.06
O DMS D . -10.34 -4.75 4.70
C1 DMS D . -7.98 -4.80 2.98
C2 DMS D . -9.74 -6.97 2.92
C1 EDO E . -5.67 -2.97 14.60
O1 EDO E . -6.96 -2.45 14.27
C2 EDO E . -5.24 -2.55 16.02
O2 EDO E . -4.11 -1.67 16.05
C FMT F . -27.58 9.95 18.40
O1 FMT F . -26.88 10.56 19.20
O2 FMT F . -27.32 8.79 18.07
C FMT G . 19.88 0.43 -7.62
O1 FMT G . 19.19 1.46 -7.65
O2 FMT G . 20.68 0.18 -8.52
C FMT H . 27.89 -8.06 -24.52
O1 FMT H . 28.75 -7.98 -23.65
O2 FMT H . 27.02 -8.93 -24.48
C FMT I . 10.48 -13.04 8.42
O1 FMT I . 10.69 -13.19 9.63
O2 FMT I . 10.52 -13.98 7.62
#